data_2LTX
#
_entry.id   2LTX
#
loop_
_entity.id
_entity.type
_entity.pdbx_description
1 polymer 'E3 ubiquitin-protein ligase SMURF1'
2 polymer 'Smad7 derived peptide'
#
loop_
_entity_poly.entity_id
_entity_poly.type
_entity_poly.pdbx_seq_one_letter_code
_entity_poly.pdbx_strand_id
1 'polypeptide(L)' GPLPPGWEVRSTVSGRIYFVDHNNRTTQFTDPRLH A
2 'polypeptide(L)' ELESPPPPYSRYPMD B
#
# COMPACT_ATOMS: atom_id res chain seq x y z
N GLY A 1 -6.47 4.81 15.09
CA GLY A 1 -7.06 3.89 14.09
C GLY A 1 -6.43 2.51 14.16
N PRO A 2 -7.23 1.44 14.07
CA PRO A 2 -6.74 0.07 14.16
C PRO A 2 -6.10 -0.40 12.85
N LEU A 3 -4.78 -0.58 12.90
CA LEU A 3 -4.03 -1.03 11.74
C LEU A 3 -2.81 -1.82 12.20
N PRO A 4 -2.67 -3.07 11.73
CA PRO A 4 -1.51 -3.91 12.04
C PRO A 4 -0.19 -3.21 11.70
N PRO A 5 0.79 -3.27 12.62
CA PRO A 5 2.07 -2.54 12.48
C PRO A 5 2.93 -3.04 11.33
N GLY A 6 2.44 -4.05 10.62
CA GLY A 6 3.15 -4.57 9.46
C GLY A 6 2.70 -3.89 8.19
N TRP A 7 1.56 -3.21 8.27
CA TRP A 7 0.96 -2.57 7.11
C TRP A 7 1.46 -1.13 6.97
N GLU A 8 2.34 -0.91 6.00
CA GLU A 8 2.86 0.41 5.73
C GLU A 8 1.98 1.05 4.65
N VAL A 9 1.16 2.00 5.06
CA VAL A 9 0.12 2.55 4.20
C VAL A 9 0.55 3.85 3.54
N ARG A 10 0.35 3.93 2.23
CA ARG A 10 0.68 5.11 1.45
C ARG A 10 -0.40 5.40 0.43
N SER A 11 -0.58 6.67 0.08
CA SER A 11 -1.61 7.09 -0.86
C SER A 11 -1.00 7.80 -2.06
N THR A 12 -1.40 7.40 -3.26
CA THR A 12 -0.88 8.00 -4.47
C THR A 12 -1.73 9.19 -4.90
N VAL A 13 -1.09 10.18 -5.54
CA VAL A 13 -1.76 11.42 -5.95
C VAL A 13 -2.92 11.15 -6.92
N SER A 14 -2.92 9.96 -7.49
CA SER A 14 -4.01 9.52 -8.36
C SER A 14 -5.31 9.35 -7.58
N GLY A 15 -5.19 9.33 -6.25
CA GLY A 15 -6.33 9.07 -5.40
C GLY A 15 -6.47 7.59 -5.12
N ARG A 16 -5.34 6.89 -5.17
CA ARG A 16 -5.33 5.46 -4.96
C ARG A 16 -4.62 5.11 -3.66
N ILE A 17 -5.12 4.08 -3.00
CA ILE A 17 -4.45 3.54 -1.84
C ILE A 17 -3.47 2.46 -2.32
N TYR A 18 -2.30 2.41 -1.73
CA TYR A 18 -1.30 1.48 -2.20
C TYR A 18 -0.45 1.01 -1.06
N PHE A 19 -0.38 -0.27 -0.92
CA PHE A 19 0.30 -0.87 0.19
C PHE A 19 1.68 -1.32 -0.11
N VAL A 20 2.48 -1.24 0.92
CA VAL A 20 3.81 -1.79 0.93
C VAL A 20 3.99 -2.52 2.26
N ASP A 21 3.96 -3.83 2.19
CA ASP A 21 4.04 -4.66 3.39
C ASP A 21 5.49 -5.01 3.67
N HIS A 22 5.86 -4.93 4.95
CA HIS A 22 7.24 -5.06 5.37
C HIS A 22 7.66 -6.51 5.56
N ASN A 23 6.72 -7.44 5.62
CA ASN A 23 7.05 -8.83 5.93
C ASN A 23 7.19 -9.67 4.66
N ASN A 24 6.27 -9.52 3.75
CA ASN A 24 6.32 -10.24 2.48
C ASN A 24 7.01 -9.39 1.41
N ARG A 25 7.14 -8.09 1.69
CA ARG A 25 7.63 -7.11 0.72
C ARG A 25 6.70 -7.06 -0.49
N THR A 26 5.46 -6.65 -0.24
CA THR A 26 4.44 -6.70 -1.27
C THR A 26 3.82 -5.31 -1.50
N THR A 27 3.38 -5.06 -2.72
CA THR A 27 2.70 -3.83 -3.05
C THR A 27 1.31 -4.12 -3.64
N GLN A 28 0.28 -3.74 -2.90
CA GLN A 28 -1.10 -4.04 -3.29
C GLN A 28 -1.91 -2.76 -3.49
N PHE A 29 -2.65 -2.68 -4.59
CA PHE A 29 -3.57 -1.57 -4.81
C PHE A 29 -4.90 -1.84 -4.09
N THR A 30 -5.05 -3.05 -3.60
CA THR A 30 -6.27 -3.45 -2.92
C THR A 30 -6.18 -3.24 -1.41
N ASP A 31 -7.05 -2.40 -0.86
CA ASP A 31 -7.12 -2.18 0.58
C ASP A 31 -8.20 -3.08 1.19
N PRO A 32 -7.83 -3.95 2.14
CA PRO A 32 -8.75 -4.91 2.76
C PRO A 32 -9.66 -4.27 3.81
N ARG A 33 -9.29 -3.08 4.23
CA ARG A 33 -10.00 -2.37 5.28
C ARG A 33 -11.12 -1.51 4.69
N LEU A 34 -10.97 -1.13 3.43
CA LEU A 34 -11.91 -0.24 2.77
C LEU A 34 -13.24 -0.94 2.43
N HIS A 35 -13.26 -2.26 2.54
CA HIS A 35 -14.48 -3.01 2.27
C HIS A 35 -15.01 -3.62 3.56
N GLU B 1 -6.70 -7.09 -9.31
CA GLU B 1 -6.36 -5.64 -9.19
C GLU B 1 -6.96 -4.87 -10.35
N LEU B 2 -6.61 -5.27 -11.58
CA LEU B 2 -7.11 -4.63 -12.80
C LEU B 2 -6.59 -3.21 -12.95
N GLU B 3 -5.64 -2.84 -12.11
CA GLU B 3 -5.06 -1.49 -12.13
C GLU B 3 -3.67 -1.51 -12.74
N SER B 4 -3.15 -0.32 -13.02
CA SER B 4 -1.77 -0.15 -13.46
C SER B 4 -0.81 -0.71 -12.42
N PRO B 5 0.42 -1.05 -12.83
CA PRO B 5 1.45 -1.55 -11.90
C PRO B 5 1.67 -0.60 -10.72
N PRO B 6 1.44 -1.10 -9.50
CA PRO B 6 1.63 -0.34 -8.26
C PRO B 6 3.08 0.10 -8.05
N PRO B 7 3.29 1.09 -7.17
CA PRO B 7 4.60 1.68 -6.90
C PRO B 7 5.53 0.69 -6.20
N PRO B 8 6.73 0.46 -6.76
CA PRO B 8 7.71 -0.52 -6.23
C PRO B 8 7.94 -0.34 -4.73
N TYR B 9 7.89 -1.45 -3.99
CA TYR B 9 8.00 -1.41 -2.54
C TYR B 9 9.34 -0.82 -2.10
N SER B 10 9.26 0.41 -1.63
CA SER B 10 10.34 1.05 -0.91
C SER B 10 10.00 0.97 0.57
N ARG B 11 10.99 0.75 1.43
CA ARG B 11 10.72 0.47 2.83
C ARG B 11 9.97 1.62 3.48
N TYR B 12 10.50 2.81 3.35
CA TYR B 12 9.87 3.98 3.94
C TYR B 12 9.53 4.97 2.84
N PRO B 13 8.26 4.96 2.40
CA PRO B 13 7.79 5.75 1.29
C PRO B 13 7.34 7.14 1.73
N MET B 14 8.01 8.16 1.23
CA MET B 14 7.65 9.54 1.56
C MET B 14 7.25 10.28 0.29
N ASP B 15 5.95 10.52 0.17
CA ASP B 15 5.38 11.12 -1.01
C ASP B 15 4.33 12.15 -0.63
N GLY A 1 -9.78 -2.41 15.28
CA GLY A 1 -8.61 -1.91 16.04
C GLY A 1 -7.72 -1.03 15.17
N PRO A 2 -6.47 -0.80 15.59
CA PRO A 2 -5.52 0.05 14.87
C PRO A 2 -4.84 -0.69 13.72
N LEU A 3 -4.21 0.07 12.84
CA LEU A 3 -3.49 -0.50 11.71
C LEU A 3 -2.09 -0.94 12.16
N PRO A 4 -1.77 -2.23 12.01
CA PRO A 4 -0.46 -2.78 12.37
C PRO A 4 0.67 -2.06 11.65
N PRO A 5 1.81 -1.82 12.35
CA PRO A 5 2.96 -1.08 11.81
C PRO A 5 3.63 -1.79 10.63
N GLY A 6 3.17 -3.00 10.34
CA GLY A 6 3.66 -3.70 9.17
C GLY A 6 3.01 -3.19 7.90
N TRP A 7 1.89 -2.51 8.07
CA TRP A 7 1.15 -1.94 6.96
C TRP A 7 1.54 -0.48 6.74
N GLU A 8 2.40 -0.24 5.76
CA GLU A 8 2.76 1.11 5.39
C GLU A 8 1.81 1.59 4.30
N VAL A 9 1.01 2.59 4.64
CA VAL A 9 -0.08 3.04 3.80
C VAL A 9 0.31 4.28 2.99
N ARG A 10 0.50 4.09 1.70
CA ARG A 10 0.89 5.17 0.82
C ARG A 10 -0.12 5.34 -0.31
N SER A 11 -0.31 6.58 -0.74
CA SER A 11 -1.32 6.90 -1.75
C SER A 11 -0.71 7.66 -2.93
N THR A 12 -1.25 7.43 -4.13
CA THR A 12 -0.81 8.13 -5.32
C THR A 12 -1.82 9.20 -5.72
N VAL A 13 -1.33 10.27 -6.34
CA VAL A 13 -2.16 11.41 -6.74
C VAL A 13 -3.25 11.01 -7.72
N SER A 14 -3.11 9.83 -8.31
CA SER A 14 -4.11 9.26 -9.19
C SER A 14 -5.40 8.95 -8.41
N GLY A 15 -5.29 8.95 -7.09
CA GLY A 15 -6.42 8.57 -6.26
C GLY A 15 -6.41 7.09 -5.98
N ARG A 16 -5.22 6.51 -5.98
CA ARG A 16 -5.06 5.08 -5.75
C ARG A 16 -4.25 4.84 -4.49
N ILE A 17 -4.76 3.99 -3.63
CA ILE A 17 -4.05 3.61 -2.43
C ILE A 17 -3.20 2.38 -2.76
N TYR A 18 -2.05 2.25 -2.13
CA TYR A 18 -1.13 1.20 -2.50
C TYR A 18 -0.32 0.77 -1.31
N PHE A 19 -0.35 -0.50 -1.05
CA PHE A 19 0.31 -1.05 0.09
C PHE A 19 1.69 -1.55 -0.16
N VAL A 20 2.49 -1.34 0.84
CA VAL A 20 3.84 -1.83 0.90
C VAL A 20 4.07 -2.37 2.32
N ASP A 21 3.97 -3.69 2.42
CA ASP A 21 4.05 -4.36 3.72
C ASP A 21 5.50 -4.72 4.04
N HIS A 22 5.89 -4.45 5.28
CA HIS A 22 7.28 -4.61 5.72
C HIS A 22 7.62 -6.05 6.08
N ASN A 23 6.62 -6.89 6.28
CA ASN A 23 6.88 -8.25 6.73
C ASN A 23 7.12 -9.18 5.56
N ASN A 24 6.17 -9.22 4.65
CA ASN A 24 6.25 -10.09 3.49
C ASN A 24 6.91 -9.36 2.32
N ARG A 25 7.01 -8.05 2.44
CA ARG A 25 7.48 -7.17 1.37
C ARG A 25 6.56 -7.31 0.18
N THR A 26 5.34 -6.79 0.33
CA THR A 26 4.30 -6.98 -0.68
C THR A 26 3.72 -5.64 -1.13
N THR A 27 3.29 -5.59 -2.39
CA THR A 27 2.62 -4.42 -2.94
C THR A 27 1.19 -4.78 -3.37
N GLN A 28 0.21 -4.12 -2.77
CA GLN A 28 -1.20 -4.41 -3.05
C GLN A 28 -1.98 -3.14 -3.37
N PHE A 29 -2.73 -3.16 -4.48
CA PHE A 29 -3.64 -2.05 -4.80
C PHE A 29 -4.97 -2.23 -4.07
N THR A 30 -5.16 -3.40 -3.48
CA THR A 30 -6.37 -3.70 -2.73
C THR A 30 -6.22 -3.29 -1.27
N ASP A 31 -6.96 -2.26 -0.87
CA ASP A 31 -6.98 -1.83 0.52
C ASP A 31 -8.13 -2.52 1.25
N PRO A 32 -7.82 -3.39 2.22
CA PRO A 32 -8.83 -4.15 2.97
C PRO A 32 -9.60 -3.29 3.97
N ARG A 33 -9.06 -2.12 4.23
CA ARG A 33 -9.65 -1.18 5.17
C ARG A 33 -10.68 -0.31 4.46
N LEU A 34 -10.61 -0.29 3.13
CA LEU A 34 -11.50 0.53 2.31
C LEU A 34 -12.90 -0.09 2.21
N HIS A 35 -13.03 -1.36 2.55
CA HIS A 35 -14.33 -2.02 2.48
C HIS A 35 -14.78 -2.50 3.85
N GLU B 1 -8.57 -6.27 -10.08
CA GLU B 1 -7.96 -4.93 -9.96
C GLU B 1 -8.08 -4.18 -11.27
N LEU B 2 -7.62 -4.80 -12.37
CA LEU B 2 -7.64 -4.19 -13.69
C LEU B 2 -6.77 -2.93 -13.71
N GLU B 3 -5.83 -2.87 -12.77
CA GLU B 3 -5.05 -1.67 -12.55
C GLU B 3 -3.72 -1.72 -13.27
N SER B 4 -3.28 -0.54 -13.70
CA SER B 4 -1.93 -0.35 -14.19
C SER B 4 -0.93 -0.76 -13.10
N PRO B 5 0.29 -1.19 -13.49
CA PRO B 5 1.28 -1.73 -12.56
C PRO B 5 1.49 -0.85 -11.32
N PRO B 6 1.24 -1.43 -10.13
CA PRO B 6 1.42 -0.73 -8.85
C PRO B 6 2.88 -0.35 -8.59
N PRO B 7 3.11 0.61 -7.68
CA PRO B 7 4.43 1.13 -7.36
C PRO B 7 5.27 0.11 -6.57
N PRO B 8 6.53 -0.09 -6.97
CA PRO B 8 7.43 -1.06 -6.33
C PRO B 8 7.63 -0.78 -4.84
N TYR B 9 7.72 -1.85 -4.05
CA TYR B 9 7.87 -1.72 -2.60
C TYR B 9 9.15 -0.97 -2.26
N SER B 10 8.97 0.26 -1.81
CA SER B 10 10.05 1.04 -1.26
C SER B 10 9.95 0.97 0.26
N ARG B 11 11.09 0.92 0.95
CA ARG B 11 11.11 0.67 2.38
C ARG B 11 10.34 1.75 3.13
N TYR B 12 10.80 2.99 3.06
CA TYR B 12 10.10 4.08 3.72
C TYR B 12 9.65 5.14 2.74
N PRO B 13 8.42 5.00 2.26
CA PRO B 13 7.81 5.94 1.33
C PRO B 13 7.00 7.01 2.04
N MET B 14 7.07 7.00 3.37
CA MET B 14 6.25 7.90 4.20
C MET B 14 6.72 9.33 4.07
N ASP B 15 5.82 10.18 3.58
CA ASP B 15 6.07 11.61 3.45
C ASP B 15 4.77 12.30 3.11
N GLY A 1 -10.67 0.07 11.65
CA GLY A 1 -10.22 0.19 13.05
C GLY A 1 -8.72 0.31 13.15
N PRO A 2 -8.06 -0.62 13.88
CA PRO A 2 -6.60 -0.64 14.01
C PRO A 2 -5.92 -1.09 12.72
N LEU A 3 -4.62 -0.84 12.63
CA LEU A 3 -3.85 -1.21 11.46
C LEU A 3 -2.49 -1.78 11.91
N PRO A 4 -2.16 -3.01 11.47
CA PRO A 4 -0.88 -3.65 11.79
C PRO A 4 0.31 -2.77 11.45
N PRO A 5 1.31 -2.70 12.35
CA PRO A 5 2.47 -1.80 12.21
C PRO A 5 3.37 -2.16 11.03
N GLY A 6 3.21 -3.38 10.51
CA GLY A 6 3.98 -3.79 9.36
C GLY A 6 3.43 -3.22 8.08
N TRP A 7 2.21 -2.71 8.17
CA TRP A 7 1.52 -2.15 7.02
C TRP A 7 1.81 -0.67 6.87
N GLU A 8 2.61 -0.33 5.88
CA GLU A 8 2.90 1.07 5.58
C GLU A 8 2.02 1.52 4.42
N VAL A 9 1.09 2.41 4.72
CA VAL A 9 0.07 2.82 3.76
C VAL A 9 0.45 4.15 3.10
N ARG A 10 0.40 4.17 1.77
CA ARG A 10 0.75 5.36 1.02
C ARG A 10 -0.28 5.59 -0.10
N SER A 11 -0.49 6.84 -0.46
CA SER A 11 -1.51 7.20 -1.44
C SER A 11 -0.88 7.77 -2.71
N THR A 12 -1.41 7.36 -3.86
CA THR A 12 -1.05 7.95 -5.13
C THR A 12 -2.07 9.04 -5.51
N VAL A 13 -1.59 10.10 -6.13
CA VAL A 13 -2.43 11.25 -6.48
C VAL A 13 -3.50 10.85 -7.51
N SER A 14 -3.28 9.71 -8.16
CA SER A 14 -4.27 9.12 -9.06
C SER A 14 -5.57 8.79 -8.31
N GLY A 15 -5.49 8.79 -6.98
CA GLY A 15 -6.64 8.43 -6.18
C GLY A 15 -6.67 6.95 -5.89
N ARG A 16 -5.49 6.37 -5.75
CA ARG A 16 -5.36 4.97 -5.39
C ARG A 16 -4.53 4.81 -4.14
N ILE A 17 -5.05 4.05 -3.20
CA ILE A 17 -4.32 3.75 -1.98
C ILE A 17 -3.51 2.49 -2.23
N TYR A 18 -2.31 2.42 -1.67
CA TYR A 18 -1.40 1.36 -2.04
C TYR A 18 -0.52 1.00 -0.88
N PHE A 19 -0.19 -0.26 -0.82
CA PHE A 19 0.55 -0.77 0.28
C PHE A 19 1.93 -1.23 -0.05
N VAL A 20 2.75 -1.10 0.95
CA VAL A 20 4.07 -1.65 0.95
C VAL A 20 4.32 -2.26 2.33
N ASP A 21 4.17 -3.57 2.40
CA ASP A 21 4.27 -4.30 3.66
C ASP A 21 5.68 -4.85 3.85
N HIS A 22 6.20 -4.66 5.07
CA HIS A 22 7.57 -5.04 5.41
C HIS A 22 7.74 -6.54 5.60
N ASN A 23 6.64 -7.22 5.90
CA ASN A 23 6.69 -8.64 6.24
C ASN A 23 6.91 -9.48 5.00
N ASN A 24 6.05 -9.30 4.02
CA ASN A 24 6.15 -10.05 2.78
C ASN A 24 6.95 -9.27 1.74
N ARG A 25 7.15 -7.98 2.02
CA ARG A 25 7.74 -7.05 1.07
C ARG A 25 6.95 -7.07 -0.22
N THR A 26 5.67 -6.77 -0.08
CA THR A 26 4.74 -6.87 -1.19
C THR A 26 3.90 -5.59 -1.33
N THR A 27 3.70 -5.17 -2.58
CA THR A 27 2.84 -4.04 -2.87
C THR A 27 1.42 -4.50 -3.16
N GLN A 28 0.44 -3.80 -2.60
CA GLN A 28 -0.97 -4.11 -2.82
C GLN A 28 -1.72 -2.86 -3.26
N PHE A 29 -2.70 -3.00 -4.15
CA PHE A 29 -3.47 -1.85 -4.61
C PHE A 29 -4.83 -1.77 -3.93
N THR A 30 -5.19 -2.82 -3.20
CA THR A 30 -6.49 -2.87 -2.54
C THR A 30 -6.32 -2.83 -1.01
N ASP A 31 -6.97 -1.86 -0.38
CA ASP A 31 -6.95 -1.73 1.07
C ASP A 31 -8.03 -2.62 1.70
N PRO A 32 -7.64 -3.48 2.64
CA PRO A 32 -8.56 -4.44 3.28
C PRO A 32 -9.58 -3.77 4.19
N ARG A 33 -9.32 -2.52 4.54
CA ARG A 33 -10.14 -1.77 5.47
C ARG A 33 -11.03 -0.77 4.72
N LEU A 34 -10.77 -0.63 3.42
CA LEU A 34 -11.45 0.36 2.59
C LEU A 34 -12.94 0.04 2.43
N HIS A 35 -13.35 -1.15 2.82
CA HIS A 35 -14.76 -1.53 2.77
C HIS A 35 -15.39 -1.43 4.16
N GLU B 1 -6.78 -7.14 -9.72
CA GLU B 1 -6.98 -5.78 -9.19
C GLU B 1 -7.49 -4.82 -10.26
N LEU B 2 -7.19 -5.13 -11.54
CA LEU B 2 -7.71 -4.37 -12.68
C LEU B 2 -7.09 -2.96 -12.74
N GLU B 3 -6.00 -2.77 -12.02
CA GLU B 3 -5.37 -1.46 -11.96
C GLU B 3 -4.05 -1.44 -12.72
N SER B 4 -3.48 -0.25 -12.84
CA SER B 4 -2.17 -0.06 -13.44
C SER B 4 -1.11 -0.74 -12.58
N PRO B 5 0.13 -0.91 -13.09
CA PRO B 5 1.22 -1.54 -12.33
C PRO B 5 1.44 -0.85 -10.97
N PRO B 6 1.29 -1.63 -9.89
CA PRO B 6 1.54 -1.16 -8.52
C PRO B 6 2.95 -0.59 -8.34
N PRO B 7 3.08 0.39 -7.43
CA PRO B 7 4.36 1.06 -7.16
C PRO B 7 5.35 0.13 -6.47
N PRO B 8 6.59 0.05 -6.99
CA PRO B 8 7.63 -0.82 -6.44
C PRO B 8 7.85 -0.62 -4.94
N TYR B 9 7.91 -1.71 -4.20
CA TYR B 9 8.04 -1.64 -2.75
C TYR B 9 9.32 -0.92 -2.34
N SER B 10 9.14 0.34 -1.96
CA SER B 10 10.20 1.12 -1.34
C SER B 10 10.12 0.90 0.16
N ARG B 11 11.26 0.81 0.83
CA ARG B 11 11.28 0.48 2.24
C ARG B 11 10.50 1.53 3.03
N TYR B 12 10.95 2.76 2.94
CA TYR B 12 10.28 3.86 3.61
C TYR B 12 9.83 4.90 2.60
N PRO B 13 8.54 4.88 2.23
CA PRO B 13 7.96 5.76 1.22
C PRO B 13 7.34 7.02 1.82
N MET B 14 7.80 7.43 2.99
CA MET B 14 7.25 8.63 3.62
C MET B 14 7.87 9.89 3.01
N ASP B 15 7.02 10.78 2.56
CA ASP B 15 7.46 12.04 1.99
C ASP B 15 6.71 13.19 2.63
N GLY A 1 -10.95 1.38 13.24
CA GLY A 1 -10.32 0.04 13.24
C GLY A 1 -8.81 0.13 13.28
N PRO A 2 -8.18 -0.58 14.23
CA PRO A 2 -6.72 -0.57 14.39
C PRO A 2 -6.00 -1.21 13.21
N LEU A 3 -5.09 -0.45 12.61
CA LEU A 3 -4.27 -0.95 11.52
C LEU A 3 -2.85 -1.18 12.02
N PRO A 4 -2.34 -2.42 11.88
CA PRO A 4 -0.99 -2.79 12.33
C PRO A 4 0.08 -1.89 11.72
N PRO A 5 0.94 -1.28 12.57
CA PRO A 5 1.99 -0.35 12.13
C PRO A 5 3.09 -1.03 11.33
N GLY A 6 2.96 -2.34 11.12
CA GLY A 6 3.84 -3.05 10.21
C GLY A 6 3.48 -2.74 8.77
N TRP A 7 2.30 -2.17 8.61
CA TRP A 7 1.80 -1.76 7.32
C TRP A 7 2.18 -0.32 7.02
N GLU A 8 3.00 -0.10 5.99
CA GLU A 8 3.32 1.27 5.61
C GLU A 8 2.30 1.77 4.61
N VAL A 9 1.44 2.67 5.06
CA VAL A 9 0.36 3.17 4.25
C VAL A 9 0.76 4.44 3.51
N ARG A 10 0.60 4.43 2.20
CA ARG A 10 0.95 5.56 1.36
C ARG A 10 -0.09 5.72 0.24
N SER A 11 -0.31 6.96 -0.19
CA SER A 11 -1.33 7.26 -1.18
C SER A 11 -0.76 7.97 -2.40
N THR A 12 -1.25 7.61 -3.58
CA THR A 12 -0.85 8.27 -4.82
C THR A 12 -1.83 9.38 -5.17
N VAL A 13 -1.32 10.42 -5.82
CA VAL A 13 -2.13 11.57 -6.20
C VAL A 13 -3.17 11.17 -7.24
N SER A 14 -2.97 10.00 -7.84
CA SER A 14 -3.91 9.41 -8.78
C SER A 14 -5.26 9.13 -8.10
N GLY A 15 -5.26 9.16 -6.77
CA GLY A 15 -6.46 8.85 -6.02
C GLY A 15 -6.53 7.38 -5.69
N ARG A 16 -5.38 6.80 -5.39
CA ARG A 16 -5.29 5.39 -5.05
C ARG A 16 -4.45 5.19 -3.81
N ILE A 17 -4.89 4.30 -2.95
CA ILE A 17 -4.13 3.92 -1.79
C ILE A 17 -3.24 2.74 -2.17
N TYR A 18 -2.07 2.63 -1.57
CA TYR A 18 -1.13 1.61 -2.00
C TYR A 18 -0.28 1.17 -0.84
N PHE A 19 -0.19 -0.12 -0.70
CA PHE A 19 0.54 -0.69 0.40
C PHE A 19 1.90 -1.21 0.05
N VAL A 20 2.76 -1.10 1.03
CA VAL A 20 4.04 -1.75 1.01
C VAL A 20 4.20 -2.52 2.32
N ASP A 21 4.04 -3.82 2.21
CA ASP A 21 4.13 -4.70 3.36
C ASP A 21 5.52 -5.32 3.45
N HIS A 22 6.06 -5.36 4.66
CA HIS A 22 7.42 -5.81 4.89
C HIS A 22 7.50 -7.33 5.02
N ASN A 23 6.37 -7.97 5.28
CA ASN A 23 6.36 -9.41 5.53
C ASN A 23 6.58 -10.17 4.24
N ASN A 24 5.76 -9.88 3.24
CA ASN A 24 5.91 -10.49 1.93
C ASN A 24 6.70 -9.61 0.98
N ARG A 25 6.87 -8.33 1.35
CA ARG A 25 7.58 -7.35 0.53
C ARG A 25 6.79 -7.10 -0.75
N THR A 26 5.49 -6.89 -0.58
CA THR A 26 4.57 -6.82 -1.71
C THR A 26 3.77 -5.52 -1.69
N THR A 27 3.39 -5.05 -2.87
CA THR A 27 2.57 -3.87 -3.01
C THR A 27 1.11 -4.25 -3.33
N GLN A 28 0.19 -3.78 -2.51
CA GLN A 28 -1.23 -4.04 -2.72
C GLN A 28 -1.97 -2.73 -3.01
N PHE A 29 -2.78 -2.71 -4.07
CA PHE A 29 -3.59 -1.53 -4.37
C PHE A 29 -4.88 -1.52 -3.56
N THR A 30 -5.16 -2.63 -2.89
CA THR A 30 -6.37 -2.75 -2.10
C THR A 30 -6.10 -2.51 -0.62
N ASP A 31 -7.03 -1.85 0.04
CA ASP A 31 -6.92 -1.55 1.46
C ASP A 31 -7.95 -2.38 2.23
N PRO A 32 -7.58 -2.93 3.39
CA PRO A 32 -8.45 -3.80 4.19
C PRO A 32 -9.76 -3.14 4.64
N ARG A 33 -9.83 -1.81 4.55
CA ARG A 33 -11.05 -1.09 4.89
C ARG A 33 -12.05 -1.13 3.73
N LEU A 34 -11.55 -1.45 2.55
CA LEU A 34 -12.39 -1.52 1.36
C LEU A 34 -12.83 -2.96 1.11
N HIS A 35 -12.20 -3.86 1.85
CA HIS A 35 -12.54 -5.26 1.80
C HIS A 35 -13.88 -5.52 2.46
N GLU B 1 -6.90 -6.70 -9.36
CA GLU B 1 -6.96 -5.28 -8.95
C GLU B 1 -7.47 -4.40 -10.09
N LEU B 2 -7.19 -4.82 -11.33
CA LEU B 2 -7.71 -4.15 -12.54
C LEU B 2 -7.07 -2.78 -12.75
N GLU B 3 -6.05 -2.47 -11.97
CA GLU B 3 -5.37 -1.19 -12.05
C GLU B 3 -4.03 -1.33 -12.76
N SER B 4 -3.39 -0.20 -13.00
CA SER B 4 -2.03 -0.17 -13.51
C SER B 4 -1.07 -0.72 -12.46
N PRO B 5 0.11 -1.22 -12.87
CA PRO B 5 1.10 -1.79 -11.94
C PRO B 5 1.38 -0.88 -10.74
N PRO B 6 1.12 -1.38 -9.53
CA PRO B 6 1.32 -0.62 -8.28
C PRO B 6 2.79 -0.26 -8.04
N PRO B 7 3.01 0.77 -7.19
CA PRO B 7 4.34 1.33 -6.93
C PRO B 7 5.25 0.31 -6.21
N PRO B 8 6.47 0.12 -6.71
CA PRO B 8 7.42 -0.87 -6.18
C PRO B 8 7.64 -0.74 -4.68
N TYR B 9 7.69 -1.88 -3.99
CA TYR B 9 7.91 -1.91 -2.55
C TYR B 9 9.25 -1.26 -2.18
N SER B 10 9.15 -0.11 -1.56
CA SER B 10 10.29 0.59 -1.01
C SER B 10 10.27 0.44 0.50
N ARG B 11 11.43 0.45 1.14
CA ARG B 11 11.50 0.20 2.57
C ARG B 11 10.69 1.23 3.33
N TYR B 12 11.11 2.48 3.31
CA TYR B 12 10.34 3.52 3.96
C TYR B 12 9.91 4.58 2.96
N PRO B 13 8.64 4.51 2.56
CA PRO B 13 8.06 5.40 1.56
C PRO B 13 7.76 6.79 2.11
N MET B 14 8.51 7.77 1.62
CA MET B 14 8.33 9.15 2.06
C MET B 14 7.91 10.02 0.89
N ASP B 15 6.68 10.50 0.92
CA ASP B 15 6.17 11.39 -0.09
C ASP B 15 6.16 12.83 0.43
N GLY A 1 -7.29 5.33 14.69
CA GLY A 1 -7.96 4.03 14.47
C GLY A 1 -7.01 2.88 14.70
N PRO A 2 -7.42 1.64 14.35
CA PRO A 2 -6.58 0.45 14.49
C PRO A 2 -5.48 0.39 13.43
N LEU A 3 -5.63 -0.54 12.47
CA LEU A 3 -4.65 -0.77 11.41
C LEU A 3 -3.31 -1.26 11.98
N PRO A 4 -2.97 -2.53 11.69
CA PRO A 4 -1.72 -3.14 12.15
C PRO A 4 -0.50 -2.32 11.76
N PRO A 5 0.40 -2.04 12.73
CA PRO A 5 1.60 -1.21 12.49
C PRO A 5 2.58 -1.83 11.50
N GLY A 6 2.32 -3.06 11.09
CA GLY A 6 3.14 -3.68 10.06
C GLY A 6 2.73 -3.22 8.67
N TRP A 7 1.55 -2.61 8.59
CA TRP A 7 1.01 -2.13 7.33
C TRP A 7 1.42 -0.69 7.08
N GLU A 8 2.31 -0.46 6.12
CA GLU A 8 2.74 0.88 5.81
C GLU A 8 1.85 1.44 4.69
N VAL A 9 0.92 2.29 5.09
CA VAL A 9 -0.10 2.80 4.19
C VAL A 9 0.33 4.12 3.55
N ARG A 10 0.37 4.12 2.22
CA ARG A 10 0.77 5.32 1.47
C ARG A 10 -0.20 5.57 0.32
N SER A 11 -0.40 6.82 -0.01
CA SER A 11 -1.31 7.19 -1.09
C SER A 11 -0.57 7.86 -2.24
N THR A 12 -1.02 7.57 -3.45
CA THR A 12 -0.47 8.21 -4.64
C THR A 12 -1.33 9.39 -5.05
N VAL A 13 -0.69 10.42 -5.59
CA VAL A 13 -1.38 11.61 -6.11
C VAL A 13 -2.34 11.22 -7.24
N SER A 14 -2.16 10.01 -7.76
CA SER A 14 -3.06 9.44 -8.76
C SER A 14 -4.47 9.24 -8.17
N GLY A 15 -4.57 9.30 -6.85
CA GLY A 15 -5.83 9.09 -6.19
C GLY A 15 -6.03 7.63 -5.83
N ARG A 16 -4.94 6.96 -5.54
CA ARG A 16 -4.97 5.54 -5.22
C ARG A 16 -4.25 5.26 -3.92
N ILE A 17 -4.81 4.35 -3.14
CA ILE A 17 -4.14 3.89 -1.93
C ILE A 17 -3.27 2.71 -2.30
N TYR A 18 -2.11 2.58 -1.67
CA TYR A 18 -1.16 1.57 -2.10
C TYR A 18 -0.34 1.11 -0.93
N PHE A 19 -0.23 -0.17 -0.81
CA PHE A 19 0.44 -0.76 0.31
C PHE A 19 1.83 -1.22 0.01
N VAL A 20 2.62 -1.11 1.03
CA VAL A 20 3.92 -1.71 1.06
C VAL A 20 4.08 -2.39 2.43
N ASP A 21 4.14 -3.71 2.37
CA ASP A 21 4.25 -4.52 3.56
C ASP A 21 5.66 -5.06 3.70
N HIS A 22 6.19 -5.00 4.92
CA HIS A 22 7.57 -5.36 5.19
C HIS A 22 7.75 -6.88 5.34
N ASN A 23 6.64 -7.60 5.52
CA ASN A 23 6.71 -9.04 5.75
C ASN A 23 7.03 -9.76 4.45
N ASN A 24 6.17 -9.57 3.46
CA ASN A 24 6.34 -10.20 2.16
C ASN A 24 7.09 -9.30 1.20
N ARG A 25 7.20 -8.02 1.57
CA ARG A 25 7.85 -7.00 0.73
C ARG A 25 7.06 -6.84 -0.56
N THR A 26 5.78 -6.61 -0.42
CA THR A 26 4.88 -6.61 -1.57
C THR A 26 4.00 -5.35 -1.60
N THR A 27 3.79 -4.85 -2.81
CA THR A 27 2.92 -3.71 -3.03
C THR A 27 1.51 -4.17 -3.41
N GLN A 28 0.51 -3.64 -2.73
CA GLN A 28 -0.87 -4.05 -2.96
C GLN A 28 -1.77 -2.84 -3.18
N PHE A 29 -2.56 -2.84 -4.25
CA PHE A 29 -3.61 -1.84 -4.42
C PHE A 29 -4.86 -2.25 -3.65
N THR A 30 -4.84 -3.49 -3.16
CA THR A 30 -5.95 -4.05 -2.42
C THR A 30 -5.91 -3.63 -0.94
N ASP A 31 -6.82 -2.76 -0.54
CA ASP A 31 -6.93 -2.38 0.87
C ASP A 31 -8.02 -3.21 1.55
N PRO A 32 -7.70 -3.83 2.68
CA PRO A 32 -8.60 -4.78 3.36
C PRO A 32 -9.79 -4.13 4.07
N ARG A 33 -9.76 -2.82 4.28
CA ARG A 33 -10.82 -2.15 5.03
C ARG A 33 -12.09 -2.04 4.20
N LEU A 34 -11.93 -2.19 2.88
CA LEU A 34 -13.05 -2.10 1.96
C LEU A 34 -13.86 -3.38 1.95
N HIS A 35 -13.32 -4.41 2.60
CA HIS A 35 -13.96 -5.71 2.63
C HIS A 35 -14.70 -5.90 3.94
N GLU B 1 -6.96 -6.47 -10.06
CA GLU B 1 -7.42 -5.20 -9.46
C GLU B 1 -7.87 -4.21 -10.55
N LEU B 2 -7.60 -4.56 -11.82
CA LEU B 2 -7.98 -3.73 -12.96
C LEU B 2 -7.22 -2.39 -12.95
N GLU B 3 -6.23 -2.29 -12.07
CA GLU B 3 -5.47 -1.07 -11.92
C GLU B 3 -4.14 -1.15 -12.66
N SER B 4 -3.54 0.02 -12.86
CA SER B 4 -2.22 0.14 -13.43
C SER B 4 -1.19 -0.49 -12.48
N PRO B 5 0.00 -0.85 -12.99
CA PRO B 5 1.07 -1.44 -12.15
C PRO B 5 1.35 -0.62 -10.89
N PRO B 6 1.16 -1.22 -9.72
CA PRO B 6 1.43 -0.56 -8.44
C PRO B 6 2.90 -0.19 -8.26
N PRO B 7 3.18 0.79 -7.38
CA PRO B 7 4.53 1.31 -7.13
C PRO B 7 5.47 0.25 -6.59
N PRO B 8 6.66 0.09 -7.20
CA PRO B 8 7.70 -0.83 -6.70
C PRO B 8 8.01 -0.57 -5.23
N TYR B 9 8.03 -1.63 -4.42
CA TYR B 9 8.18 -1.51 -2.99
C TYR B 9 9.50 -0.82 -2.62
N SER B 10 9.38 0.45 -2.24
CA SER B 10 10.46 1.18 -1.64
C SER B 10 10.38 0.96 -0.15
N ARG B 11 11.51 0.73 0.50
CA ARG B 11 11.51 0.22 1.87
C ARG B 11 10.80 1.17 2.82
N TYR B 12 11.20 2.42 2.83
CA TYR B 12 10.50 3.42 3.61
C TYR B 12 9.98 4.53 2.71
N PRO B 13 8.71 4.44 2.28
CA PRO B 13 8.09 5.44 1.44
C PRO B 13 7.58 6.62 2.24
N MET B 14 8.22 7.77 2.07
CA MET B 14 7.80 8.97 2.77
C MET B 14 7.01 9.87 1.83
N ASP B 15 5.69 9.77 1.94
CA ASP B 15 4.80 10.54 1.09
C ASP B 15 3.50 10.80 1.85
N GLY A 1 -9.79 -3.46 13.76
CA GLY A 1 -9.96 -1.98 13.84
C GLY A 1 -8.68 -1.24 13.52
N PRO A 2 -7.85 -0.97 14.53
CA PRO A 2 -6.55 -0.28 14.34
C PRO A 2 -5.65 -1.02 13.36
N LEU A 3 -4.98 -0.25 12.50
CA LEU A 3 -4.07 -0.81 11.51
C LEU A 3 -2.75 -1.20 12.17
N PRO A 4 -2.31 -2.45 11.98
CA PRO A 4 -1.04 -2.94 12.53
C PRO A 4 0.16 -2.10 12.07
N PRO A 5 1.10 -1.78 13.00
CA PRO A 5 2.30 -0.97 12.68
C PRO A 5 3.20 -1.59 11.61
N GLY A 6 2.86 -2.79 11.16
CA GLY A 6 3.62 -3.44 10.11
C GLY A 6 3.19 -2.97 8.74
N TRP A 7 2.03 -2.34 8.69
CA TRP A 7 1.47 -1.85 7.43
C TRP A 7 1.84 -0.40 7.20
N GLU A 8 2.69 -0.15 6.21
CA GLU A 8 2.98 1.22 5.82
C GLU A 8 2.10 1.60 4.65
N VAL A 9 1.32 2.65 4.84
CA VAL A 9 0.27 3.01 3.90
C VAL A 9 0.57 4.32 3.19
N ARG A 10 0.71 4.23 1.87
CA ARG A 10 1.01 5.38 1.03
C ARG A 10 0.00 5.49 -0.10
N SER A 11 -0.27 6.71 -0.55
CA SER A 11 -1.28 6.92 -1.59
C SER A 11 -0.72 7.76 -2.75
N THR A 12 -1.07 7.37 -3.97
CA THR A 12 -0.67 8.12 -5.15
C THR A 12 -1.74 9.18 -5.48
N VAL A 13 -1.31 10.29 -6.08
CA VAL A 13 -2.18 11.43 -6.35
C VAL A 13 -3.32 11.07 -7.30
N SER A 14 -3.20 9.93 -7.96
CA SER A 14 -4.24 9.43 -8.85
C SER A 14 -5.52 9.09 -8.07
N GLY A 15 -5.39 9.00 -6.75
CA GLY A 15 -6.49 8.58 -5.93
C GLY A 15 -6.50 7.08 -5.73
N ARG A 16 -5.31 6.53 -5.58
CA ARG A 16 -5.14 5.10 -5.34
C ARG A 16 -4.37 4.85 -4.06
N ILE A 17 -4.89 3.96 -3.25
CA ILE A 17 -4.22 3.53 -2.04
C ILE A 17 -3.32 2.35 -2.40
N TYR A 18 -2.14 2.27 -1.81
CA TYR A 18 -1.19 1.26 -2.21
C TYR A 18 -0.33 0.90 -1.04
N PHE A 19 -0.27 -0.38 -0.76
CA PHE A 19 0.43 -0.85 0.38
C PHE A 19 1.83 -1.28 0.13
N VAL A 20 2.61 -1.09 1.16
CA VAL A 20 3.95 -1.61 1.23
C VAL A 20 4.12 -2.25 2.61
N ASP A 21 3.86 -3.55 2.64
CA ASP A 21 3.93 -4.32 3.86
C ASP A 21 5.32 -4.91 4.03
N HIS A 22 5.88 -4.75 5.22
CA HIS A 22 7.25 -5.16 5.49
C HIS A 22 7.35 -6.67 5.72
N ASN A 23 6.23 -7.32 5.97
CA ASN A 23 6.23 -8.75 6.26
C ASN A 23 6.42 -9.56 4.98
N ASN A 24 5.55 -9.32 4.02
CA ASN A 24 5.63 -10.02 2.74
C ASN A 24 6.45 -9.22 1.73
N ARG A 25 6.70 -7.95 2.07
CA ARG A 25 7.42 -7.03 1.18
C ARG A 25 6.67 -6.89 -0.13
N THR A 26 5.37 -6.59 -0.01
CA THR A 26 4.46 -6.65 -1.14
C THR A 26 3.67 -5.36 -1.31
N THR A 27 3.32 -5.06 -2.56
CA THR A 27 2.52 -3.89 -2.89
C THR A 27 1.09 -4.29 -3.28
N GLN A 28 0.10 -3.81 -2.53
CA GLN A 28 -1.30 -4.11 -2.82
C GLN A 28 -2.07 -2.84 -3.15
N PHE A 29 -2.89 -2.89 -4.20
CA PHE A 29 -3.71 -1.73 -4.58
C PHE A 29 -5.08 -1.79 -3.91
N THR A 30 -5.39 -2.91 -3.29
CA THR A 30 -6.66 -3.07 -2.61
C THR A 30 -6.51 -2.97 -1.09
N ASP A 31 -7.08 -1.92 -0.52
CA ASP A 31 -7.04 -1.70 0.93
C ASP A 31 -8.14 -2.52 1.62
N PRO A 32 -7.75 -3.41 2.54
CA PRO A 32 -8.70 -4.32 3.23
C PRO A 32 -9.51 -3.60 4.31
N ARG A 33 -9.06 -2.41 4.68
CA ARG A 33 -9.70 -1.64 5.74
C ARG A 33 -10.87 -0.83 5.16
N LEU A 34 -10.87 -0.69 3.84
CA LEU A 34 -11.95 0.02 3.15
C LEU A 34 -13.26 -0.79 3.20
N HIS A 35 -13.15 -2.04 3.63
CA HIS A 35 -14.31 -2.90 3.79
C HIS A 35 -14.96 -2.61 5.13
N GLU B 1 -6.30 -6.78 -10.81
CA GLU B 1 -6.41 -5.39 -10.29
C GLU B 1 -6.95 -4.44 -11.36
N LEU B 2 -6.56 -4.67 -12.62
CA LEU B 2 -7.02 -3.86 -13.76
C LEU B 2 -6.48 -2.42 -13.69
N GLU B 3 -5.56 -2.20 -12.77
CA GLU B 3 -4.99 -0.87 -12.56
C GLU B 3 -3.65 -0.74 -13.29
N SER B 4 -3.05 0.43 -13.17
CA SER B 4 -1.67 0.62 -13.61
C SER B 4 -0.75 -0.12 -12.65
N PRO B 5 0.40 -0.63 -13.14
CA PRO B 5 1.32 -1.42 -12.33
C PRO B 5 1.64 -0.77 -10.99
N PRO B 6 1.31 -1.46 -9.89
CA PRO B 6 1.56 -0.99 -8.52
C PRO B 6 3.00 -0.54 -8.30
N PRO B 7 3.20 0.46 -7.44
CA PRO B 7 4.51 1.06 -7.16
C PRO B 7 5.41 0.07 -6.43
N PRO B 8 6.64 -0.14 -6.95
CA PRO B 8 7.62 -1.06 -6.36
C PRO B 8 7.83 -0.79 -4.88
N TYR B 9 7.85 -1.86 -4.08
CA TYR B 9 8.06 -1.76 -2.64
C TYR B 9 9.41 -1.11 -2.35
N SER B 10 9.36 0.16 -2.00
CA SER B 10 10.53 0.88 -1.51
C SER B 10 10.54 0.72 0.01
N ARG B 11 11.72 0.72 0.61
CA ARG B 11 11.85 0.39 2.03
C ARG B 11 11.06 1.37 2.88
N TYR B 12 11.46 2.62 2.87
CA TYR B 12 10.74 3.66 3.58
C TYR B 12 10.26 4.73 2.63
N PRO B 13 8.98 4.66 2.23
CA PRO B 13 8.40 5.57 1.26
C PRO B 13 7.83 6.81 1.91
N MET B 14 8.37 7.97 1.54
CA MET B 14 7.84 9.22 2.04
C MET B 14 6.91 9.84 1.00
N ASP B 15 5.64 9.50 1.11
CA ASP B 15 4.63 9.96 0.16
C ASP B 15 3.40 10.44 0.91
N GLY A 1 -10.93 0.14 15.49
CA GLY A 1 -9.76 -0.68 15.10
C GLY A 1 -8.62 0.17 14.57
N PRO A 2 -7.44 0.08 15.20
CA PRO A 2 -6.26 0.84 14.78
C PRO A 2 -5.49 0.15 13.65
N LEU A 3 -4.97 0.94 12.73
CA LEU A 3 -4.16 0.43 11.63
C LEU A 3 -2.90 -0.23 12.19
N PRO A 4 -2.70 -1.53 11.91
CA PRO A 4 -1.54 -2.29 12.39
C PRO A 4 -0.21 -1.66 11.95
N PRO A 5 0.74 -1.51 12.89
CA PRO A 5 2.03 -0.86 12.62
C PRO A 5 2.91 -1.64 11.65
N GLY A 6 2.46 -2.81 11.24
CA GLY A 6 3.17 -3.60 10.26
C GLY A 6 2.78 -3.18 8.85
N TRP A 7 1.65 -2.48 8.75
CA TRP A 7 1.13 -2.05 7.47
C TRP A 7 1.52 -0.60 7.20
N GLU A 8 2.40 -0.39 6.22
CA GLU A 8 2.77 0.96 5.86
C GLU A 8 1.90 1.41 4.70
N VAL A 9 0.95 2.29 5.00
CA VAL A 9 -0.06 2.69 4.03
C VAL A 9 0.30 4.02 3.37
N ARG A 10 0.32 4.03 2.05
CA ARG A 10 0.65 5.22 1.30
C ARG A 10 -0.34 5.40 0.14
N SER A 11 -0.63 6.65 -0.19
CA SER A 11 -1.63 6.95 -1.21
C SER A 11 -1.00 7.67 -2.41
N THR A 12 -1.45 7.32 -3.61
CA THR A 12 -1.03 8.01 -4.81
C THR A 12 -2.04 9.08 -5.19
N VAL A 13 -1.55 10.21 -5.72
CA VAL A 13 -2.39 11.36 -6.07
C VAL A 13 -3.43 10.99 -7.13
N SER A 14 -3.22 9.86 -7.78
CA SER A 14 -4.17 9.34 -8.77
C SER A 14 -5.49 8.96 -8.11
N GLY A 15 -5.48 8.85 -6.78
CA GLY A 15 -6.65 8.41 -6.06
C GLY A 15 -6.66 6.91 -5.89
N ARG A 16 -5.47 6.36 -5.68
CA ARG A 16 -5.32 4.93 -5.44
C ARG A 16 -4.51 4.68 -4.19
N ILE A 17 -5.01 3.81 -3.33
CA ILE A 17 -4.29 3.45 -2.11
C ILE A 17 -3.39 2.26 -2.43
N TYR A 18 -2.24 2.19 -1.78
CA TYR A 18 -1.27 1.18 -2.14
C TYR A 18 -0.44 0.80 -0.93
N PHE A 19 -0.26 -0.48 -0.78
CA PHE A 19 0.45 -0.99 0.36
C PHE A 19 1.85 -1.40 0.10
N VAL A 20 2.64 -1.20 1.12
CA VAL A 20 3.96 -1.74 1.19
C VAL A 20 4.13 -2.39 2.57
N ASP A 21 4.17 -3.71 2.55
CA ASP A 21 4.36 -4.49 3.75
C ASP A 21 5.76 -5.05 3.78
N HIS A 22 6.42 -4.87 4.92
CA HIS A 22 7.83 -5.22 5.07
C HIS A 22 8.04 -6.71 5.28
N ASN A 23 6.98 -7.42 5.65
CA ASN A 23 7.09 -8.84 5.93
C ASN A 23 7.18 -9.63 4.64
N ASN A 24 6.21 -9.42 3.77
CA ASN A 24 6.16 -10.11 2.48
C ASN A 24 6.87 -9.30 1.41
N ARG A 25 7.12 -8.03 1.70
CA ARG A 25 7.77 -7.10 0.78
C ARG A 25 6.89 -6.91 -0.45
N THR A 26 5.59 -6.80 -0.21
CA THR A 26 4.62 -6.85 -1.31
C THR A 26 3.80 -5.57 -1.40
N THR A 27 3.54 -5.13 -2.63
CA THR A 27 2.69 -3.98 -2.89
C THR A 27 1.29 -4.42 -3.30
N GLN A 28 0.28 -3.84 -2.68
CA GLN A 28 -1.12 -4.19 -2.97
C GLN A 28 -1.95 -2.92 -3.23
N PHE A 29 -2.70 -2.91 -4.33
CA PHE A 29 -3.59 -1.78 -4.62
C PHE A 29 -4.91 -1.90 -3.86
N THR A 30 -5.12 -3.04 -3.23
CA THR A 30 -6.35 -3.27 -2.49
C THR A 30 -6.15 -3.03 -1.00
N ASP A 31 -7.06 -2.27 -0.42
CA ASP A 31 -7.08 -2.01 1.01
C ASP A 31 -8.15 -2.87 1.67
N PRO A 32 -7.75 -3.77 2.58
CA PRO A 32 -8.67 -4.72 3.24
C PRO A 32 -9.67 -4.03 4.17
N ARG A 33 -9.37 -2.79 4.50
CA ARG A 33 -10.22 -1.99 5.39
C ARG A 33 -11.26 -1.22 4.56
N LEU A 34 -10.91 -0.93 3.32
CA LEU A 34 -11.82 -0.23 2.42
C LEU A 34 -12.72 -1.22 1.69
N HIS A 35 -12.36 -2.49 1.76
CA HIS A 35 -13.15 -3.54 1.14
C HIS A 35 -14.36 -3.86 2.03
N GLU B 1 -8.21 -5.82 -9.57
CA GLU B 1 -8.25 -4.35 -9.71
C GLU B 1 -8.14 -3.89 -11.17
N LEU B 2 -7.37 -4.62 -11.98
CA LEU B 2 -7.16 -4.26 -13.39
C LEU B 2 -6.44 -2.90 -13.48
N GLU B 3 -5.68 -2.58 -12.45
CA GLU B 3 -5.06 -1.26 -12.35
C GLU B 3 -3.69 -1.21 -13.01
N SER B 4 -3.20 0.00 -13.19
CA SER B 4 -1.84 0.24 -13.64
C SER B 4 -0.87 -0.44 -12.67
N PRO B 5 0.32 -0.85 -13.14
CA PRO B 5 1.31 -1.54 -12.30
C PRO B 5 1.54 -0.82 -10.96
N PRO B 6 1.27 -1.52 -9.85
CA PRO B 6 1.47 -1.00 -8.49
C PRO B 6 2.89 -0.46 -8.27
N PRO B 7 3.03 0.53 -7.38
CA PRO B 7 4.33 1.15 -7.08
C PRO B 7 5.28 0.14 -6.44
N PRO B 8 6.48 -0.04 -7.03
CA PRO B 8 7.47 -0.99 -6.52
C PRO B 8 7.76 -0.79 -5.03
N TYR B 9 7.83 -1.89 -4.30
CA TYR B 9 8.11 -1.82 -2.87
C TYR B 9 9.49 -1.24 -2.60
N SER B 10 9.50 0.06 -2.38
CA SER B 10 10.64 0.75 -1.83
C SER B 10 10.53 0.64 -0.32
N ARG B 11 11.67 0.64 0.38
CA ARG B 11 11.67 0.29 1.80
C ARG B 11 10.77 1.22 2.59
N TYR B 12 11.14 2.48 2.66
CA TYR B 12 10.32 3.44 3.38
C TYR B 12 9.88 4.56 2.44
N PRO B 13 8.61 4.50 2.02
CA PRO B 13 8.04 5.53 1.15
C PRO B 13 7.81 6.82 1.93
N MET B 14 8.73 7.76 1.75
CA MET B 14 8.73 8.99 2.53
C MET B 14 7.95 10.10 1.85
N ASP B 15 6.87 10.50 2.49
CA ASP B 15 6.03 11.58 2.00
C ASP B 15 5.43 12.32 3.17
N GLY A 1 -3.60 2.12 16.51
CA GLY A 1 -4.97 2.23 15.94
C GLY A 1 -5.46 0.91 15.38
N PRO A 2 -6.47 0.94 14.51
CA PRO A 2 -7.02 -0.26 13.87
C PRO A 2 -6.19 -0.71 12.67
N LEU A 3 -5.15 0.04 12.37
CA LEU A 3 -4.28 -0.25 11.24
C LEU A 3 -2.97 -0.86 11.73
N PRO A 4 -2.67 -2.09 11.31
CA PRO A 4 -1.46 -2.81 11.71
C PRO A 4 -0.17 -2.01 11.41
N PRO A 5 0.72 -1.86 12.41
CA PRO A 5 1.99 -1.13 12.23
C PRO A 5 2.89 -1.71 11.14
N GLY A 6 2.61 -2.94 10.73
CA GLY A 6 3.37 -3.55 9.66
C GLY A 6 2.88 -3.08 8.30
N TRP A 7 1.69 -2.51 8.28
CA TRP A 7 1.09 -2.00 7.05
C TRP A 7 1.49 -0.55 6.84
N GLU A 8 2.36 -0.30 5.86
CA GLU A 8 2.79 1.05 5.58
C GLU A 8 1.90 1.62 4.48
N VAL A 9 0.99 2.50 4.86
CA VAL A 9 -0.02 3.02 3.95
C VAL A 9 0.41 4.35 3.33
N ARG A 10 0.51 4.36 2.00
CA ARG A 10 1.00 5.53 1.28
C ARG A 10 0.06 5.84 0.10
N SER A 11 -0.07 7.12 -0.23
CA SER A 11 -1.01 7.54 -1.27
C SER A 11 -0.31 8.24 -2.42
N THR A 12 -0.59 7.80 -3.64
CA THR A 12 -0.10 8.46 -4.83
C THR A 12 -1.09 9.52 -5.31
N VAL A 13 -0.56 10.62 -5.85
CA VAL A 13 -1.37 11.77 -6.29
C VAL A 13 -2.35 11.40 -7.40
N SER A 14 -2.14 10.25 -8.02
CA SER A 14 -2.99 9.74 -9.08
C SER A 14 -4.43 9.50 -8.60
N GLY A 15 -4.62 9.47 -7.28
CA GLY A 15 -5.89 9.10 -6.72
C GLY A 15 -5.93 7.61 -6.46
N ARG A 16 -4.88 7.13 -5.83
CA ARG A 16 -4.71 5.72 -5.55
C ARG A 16 -4.00 5.52 -4.22
N ILE A 17 -4.57 4.69 -3.37
CA ILE A 17 -3.89 4.26 -2.16
C ILE A 17 -3.09 3.01 -2.51
N TYR A 18 -1.95 2.82 -1.87
CA TYR A 18 -1.06 1.75 -2.29
C TYR A 18 -0.29 1.23 -1.12
N PHE A 19 -0.24 -0.08 -1.02
CA PHE A 19 0.40 -0.71 0.08
C PHE A 19 1.77 -1.23 -0.19
N VAL A 20 2.58 -1.04 0.82
CA VAL A 20 3.89 -1.60 0.89
C VAL A 20 4.08 -2.18 2.29
N ASP A 21 3.99 -3.50 2.36
CA ASP A 21 4.06 -4.23 3.62
C ASP A 21 5.47 -4.77 3.84
N HIS A 22 5.96 -4.61 5.06
CA HIS A 22 7.32 -5.01 5.42
C HIS A 22 7.45 -6.51 5.68
N ASN A 23 6.33 -7.16 5.96
CA ASN A 23 6.36 -8.57 6.37
C ASN A 23 6.64 -9.47 5.18
N ASN A 24 5.70 -9.49 4.24
CA ASN A 24 5.84 -10.29 3.04
C ASN A 24 6.54 -9.50 1.94
N ARG A 25 6.61 -8.18 2.15
CA ARG A 25 7.22 -7.27 1.18
C ARG A 25 6.36 -7.23 -0.07
N THR A 26 5.11 -6.83 0.12
CA THR A 26 4.11 -6.95 -0.93
C THR A 26 3.45 -5.61 -1.23
N THR A 27 3.14 -5.39 -2.51
CA THR A 27 2.40 -4.21 -2.93
C THR A 27 0.95 -4.57 -3.26
N GLN A 28 0.02 -3.83 -2.67
CA GLN A 28 -1.40 -4.03 -2.93
C GLN A 28 -2.07 -2.71 -3.31
N PHE A 29 -2.94 -2.74 -4.31
CA PHE A 29 -3.66 -1.55 -4.72
C PHE A 29 -5.05 -1.50 -4.09
N THR A 30 -5.45 -2.60 -3.46
CA THR A 30 -6.74 -2.68 -2.82
C THR A 30 -6.57 -2.69 -1.30
N ASP A 31 -7.28 -1.81 -0.62
CA ASP A 31 -7.22 -1.73 0.83
C ASP A 31 -8.17 -2.75 1.46
N PRO A 32 -7.67 -3.52 2.46
CA PRO A 32 -8.45 -4.58 3.12
C PRO A 32 -9.69 -4.07 3.85
N ARG A 33 -9.78 -2.77 4.07
CA ARG A 33 -10.92 -2.17 4.78
C ARG A 33 -12.22 -2.38 4.00
N LEU A 34 -12.10 -2.81 2.75
CA LEU A 34 -13.25 -3.11 1.93
C LEU A 34 -13.91 -4.40 2.40
N HIS A 35 -13.17 -5.17 3.19
CA HIS A 35 -13.66 -6.44 3.72
C HIS A 35 -13.90 -6.31 5.22
N GLU B 1 -6.80 -7.33 -9.59
CA GLU B 1 -6.12 -6.08 -10.02
C GLU B 1 -6.85 -5.43 -11.19
N LEU B 2 -6.32 -5.59 -12.42
CA LEU B 2 -6.85 -4.92 -13.61
C LEU B 2 -6.70 -3.41 -13.47
N GLU B 3 -5.76 -3.00 -12.63
CA GLU B 3 -5.56 -1.60 -12.28
C GLU B 3 -4.34 -1.03 -13.01
N SER B 4 -4.06 0.24 -12.77
CA SER B 4 -2.81 0.85 -13.20
C SER B 4 -1.65 0.19 -12.47
N PRO B 5 -0.44 0.15 -13.06
CA PRO B 5 0.73 -0.47 -12.41
C PRO B 5 1.04 0.16 -11.05
N PRO B 6 1.00 -0.67 -10.00
CA PRO B 6 1.28 -0.23 -8.63
C PRO B 6 2.78 -0.04 -8.36
N PRO B 7 3.13 0.84 -7.41
CA PRO B 7 4.52 1.14 -7.05
C PRO B 7 5.18 0.00 -6.29
N PRO B 8 6.37 -0.43 -6.72
CA PRO B 8 7.14 -1.49 -6.04
C PRO B 8 7.39 -1.13 -4.58
N TYR B 9 7.41 -2.14 -3.71
CA TYR B 9 7.62 -1.93 -2.29
C TYR B 9 8.97 -1.28 -2.01
N SER B 10 8.94 0.03 -1.84
CA SER B 10 10.06 0.78 -1.33
C SER B 10 10.06 0.66 0.19
N ARG B 11 11.23 0.47 0.78
CA ARG B 11 11.30 0.15 2.20
C ARG B 11 10.68 1.26 3.04
N TYR B 12 11.20 2.47 2.91
CA TYR B 12 10.66 3.59 3.67
C TYR B 12 10.14 4.68 2.74
N PRO B 13 8.86 4.60 2.35
CA PRO B 13 8.24 5.59 1.50
C PRO B 13 7.64 6.74 2.31
N MET B 14 8.17 7.93 2.10
CA MET B 14 7.69 9.11 2.80
C MET B 14 6.63 9.79 1.96
N ASP B 15 5.41 9.85 2.48
CA ASP B 15 4.29 10.45 1.76
C ASP B 15 3.44 11.27 2.70
N GLY A 1 -10.48 1.14 13.25
CA GLY A 1 -9.58 -0.04 13.19
C GLY A 1 -8.13 0.34 13.36
N PRO A 2 -7.35 -0.47 14.09
CA PRO A 2 -5.94 -0.20 14.32
C PRO A 2 -5.07 -0.71 13.17
N LEU A 3 -4.24 0.18 12.63
CA LEU A 3 -3.35 -0.17 11.54
C LEU A 3 -2.14 -0.93 12.06
N PRO A 4 -1.94 -2.19 11.60
CA PRO A 4 -0.79 -3.01 11.99
C PRO A 4 0.53 -2.29 11.74
N PRO A 5 1.47 -2.37 12.70
CA PRO A 5 2.77 -1.69 12.61
C PRO A 5 3.66 -2.25 11.49
N GLY A 6 3.16 -3.24 10.78
CA GLY A 6 3.87 -3.78 9.63
C GLY A 6 3.35 -3.21 8.33
N TRP A 7 2.17 -2.61 8.40
CA TRP A 7 1.50 -2.09 7.22
C TRP A 7 1.91 -0.65 6.94
N GLU A 8 2.77 -0.47 5.94
CA GLU A 8 3.22 0.85 5.56
C GLU A 8 2.26 1.40 4.50
N VAL A 9 1.31 2.21 4.95
CA VAL A 9 0.25 2.70 4.07
C VAL A 9 0.66 4.00 3.38
N ARG A 10 0.64 3.99 2.06
CA ARG A 10 1.08 5.13 1.27
C ARG A 10 0.07 5.42 0.17
N SER A 11 -0.04 6.68 -0.22
CA SER A 11 -1.06 7.09 -1.18
C SER A 11 -0.44 7.81 -2.37
N THR A 12 -0.93 7.48 -3.57
CA THR A 12 -0.51 8.17 -4.79
C THR A 12 -1.49 9.30 -5.10
N VAL A 13 -0.98 10.38 -5.67
CA VAL A 13 -1.79 11.57 -5.97
C VAL A 13 -2.82 11.26 -7.05
N SER A 14 -2.63 10.14 -7.75
CA SER A 14 -3.59 9.64 -8.71
C SER A 14 -4.93 9.31 -8.06
N GLY A 15 -4.92 9.24 -6.74
CA GLY A 15 -6.11 8.86 -6.01
C GLY A 15 -6.18 7.35 -5.81
N ARG A 16 -5.02 6.75 -5.59
CA ARG A 16 -4.94 5.33 -5.31
C ARG A 16 -4.16 5.09 -4.03
N ILE A 17 -4.71 4.26 -3.16
CA ILE A 17 -4.01 3.87 -1.96
C ILE A 17 -3.22 2.62 -2.30
N TYR A 18 -2.06 2.45 -1.70
CA TYR A 18 -1.18 1.39 -2.14
C TYR A 18 -0.35 0.91 -0.98
N PHE A 19 -0.41 -0.37 -0.76
CA PHE A 19 0.28 -0.96 0.32
C PHE A 19 1.64 -1.44 -0.02
N VAL A 20 2.49 -1.26 0.96
CA VAL A 20 3.81 -1.77 0.96
C VAL A 20 4.09 -2.31 2.36
N ASP A 21 3.82 -3.59 2.53
CA ASP A 21 3.90 -4.21 3.83
C ASP A 21 5.29 -4.75 4.08
N HIS A 22 5.79 -4.49 5.29
CA HIS A 22 7.17 -4.82 5.66
C HIS A 22 7.35 -6.32 5.92
N ASN A 23 6.25 -7.03 6.10
CA ASN A 23 6.31 -8.45 6.42
C ASN A 23 6.52 -9.26 5.15
N ASN A 24 5.60 -9.13 4.21
CA ASN A 24 5.68 -9.83 2.95
C ASN A 24 6.55 -9.05 1.96
N ARG A 25 6.81 -7.79 2.29
CA ARG A 25 7.54 -6.88 1.40
C ARG A 25 6.81 -6.78 0.06
N THR A 26 5.50 -6.62 0.14
CA THR A 26 4.65 -6.74 -1.03
C THR A 26 3.79 -5.50 -1.25
N THR A 27 3.64 -5.11 -2.51
CA THR A 27 2.79 -3.99 -2.90
C THR A 27 1.37 -4.48 -3.20
N GLN A 28 0.39 -3.91 -2.49
CA GLN A 28 -1.01 -4.29 -2.65
C GLN A 28 -1.87 -3.08 -2.99
N PHE A 29 -2.49 -3.05 -4.16
CA PHE A 29 -3.34 -1.92 -4.54
C PHE A 29 -4.70 -2.00 -3.85
N THR A 30 -4.97 -3.13 -3.22
CA THR A 30 -6.25 -3.32 -2.54
C THR A 30 -6.13 -3.06 -1.04
N ASP A 31 -6.92 -2.11 -0.54
CA ASP A 31 -6.93 -1.79 0.88
C ASP A 31 -8.10 -2.49 1.58
N PRO A 32 -7.79 -3.39 2.53
CA PRO A 32 -8.79 -4.21 3.22
C PRO A 32 -9.70 -3.40 4.15
N ARG A 33 -9.29 -2.18 4.44
CA ARG A 33 -10.04 -1.31 5.35
C ARG A 33 -11.27 -0.70 4.66
N LEU A 34 -11.20 -0.57 3.34
CA LEU A 34 -12.30 0.05 2.59
C LEU A 34 -13.43 -0.94 2.32
N HIS A 35 -13.09 -2.22 2.24
CA HIS A 35 -14.10 -3.24 2.02
C HIS A 35 -14.13 -4.24 3.17
N GLU B 1 -6.80 -6.94 -10.47
CA GLU B 1 -7.34 -5.72 -9.83
C GLU B 1 -7.74 -4.68 -10.88
N LEU B 2 -7.47 -4.96 -12.15
CA LEU B 2 -7.76 -4.02 -13.25
C LEU B 2 -6.93 -2.74 -13.09
N GLU B 3 -5.86 -2.84 -12.33
CA GLU B 3 -5.07 -1.66 -11.98
C GLU B 3 -3.80 -1.55 -12.81
N SER B 4 -3.47 -0.32 -13.17
CA SER B 4 -2.19 0.00 -13.77
C SER B 4 -1.08 -0.37 -12.78
N PRO B 5 0.16 -0.60 -13.26
CA PRO B 5 1.26 -1.15 -12.45
C PRO B 5 1.46 -0.46 -11.10
N PRO B 6 1.32 -1.25 -10.02
CA PRO B 6 1.62 -0.82 -8.65
C PRO B 6 3.05 -0.34 -8.47
N PRO B 7 3.27 0.60 -7.52
CA PRO B 7 4.58 1.17 -7.23
C PRO B 7 5.52 0.14 -6.61
N PRO B 8 6.73 -0.03 -7.18
CA PRO B 8 7.73 -0.99 -6.66
C PRO B 8 8.04 -0.72 -5.18
N TYR B 9 8.12 -1.79 -4.39
CA TYR B 9 8.28 -1.65 -2.95
C TYR B 9 9.58 -0.94 -2.58
N SER B 10 9.44 0.33 -2.28
CA SER B 10 10.48 1.08 -1.61
C SER B 10 10.22 0.93 -0.12
N ARG B 11 11.22 0.46 0.62
CA ARG B 11 10.98 0.01 1.99
C ARG B 11 10.42 1.11 2.86
N TYR B 12 10.96 2.30 2.72
CA TYR B 12 10.45 3.44 3.45
C TYR B 12 9.98 4.53 2.49
N PRO B 13 8.68 4.48 2.15
CA PRO B 13 8.04 5.45 1.28
C PRO B 13 7.37 6.57 2.08
N MET B 14 7.21 7.72 1.45
CA MET B 14 6.67 8.89 2.12
C MET B 14 5.29 9.26 1.61
N ASP B 15 4.42 9.64 2.54
CA ASP B 15 3.04 10.08 2.26
C ASP B 15 2.15 8.91 1.88
N GLY A 1 -4.21 -2.79 18.40
CA GLY A 1 -4.19 -1.79 17.30
C GLY A 1 -5.25 -2.08 16.26
N PRO A 2 -5.80 -1.05 15.60
CA PRO A 2 -6.80 -1.22 14.55
C PRO A 2 -6.19 -1.63 13.22
N LEU A 3 -4.87 -1.56 13.16
CA LEU A 3 -4.13 -1.90 11.95
C LEU A 3 -2.69 -2.23 12.32
N PRO A 4 -2.20 -3.41 11.90
CA PRO A 4 -0.83 -3.85 12.19
C PRO A 4 0.20 -2.86 11.67
N PRO A 5 1.21 -2.49 12.50
CA PRO A 5 2.26 -1.54 12.10
C PRO A 5 3.08 -2.01 10.89
N GLY A 6 2.87 -3.26 10.48
CA GLY A 6 3.52 -3.76 9.28
C GLY A 6 2.85 -3.23 8.03
N TRP A 7 1.63 -2.73 8.19
CA TRP A 7 0.88 -2.15 7.09
C TRP A 7 1.17 -0.66 6.97
N GLU A 8 1.96 -0.28 5.97
CA GLU A 8 2.19 1.13 5.71
C GLU A 8 1.41 1.57 4.49
N VAL A 9 0.35 2.33 4.73
CA VAL A 9 -0.56 2.74 3.67
C VAL A 9 -0.21 4.14 3.15
N ARG A 10 0.04 4.21 1.86
CA ARG A 10 0.34 5.46 1.20
C ARG A 10 -0.63 5.69 0.04
N SER A 11 -1.00 6.95 -0.15
CA SER A 11 -1.87 7.32 -1.25
C SER A 11 -1.07 8.01 -2.35
N THR A 12 -1.24 7.55 -3.59
CA THR A 12 -0.51 8.11 -4.71
C THR A 12 -1.29 9.27 -5.31
N VAL A 13 -0.57 10.26 -5.83
CA VAL A 13 -1.18 11.45 -6.42
C VAL A 13 -2.08 11.07 -7.60
N SER A 14 -1.87 9.88 -8.14
CA SER A 14 -2.69 9.33 -9.21
C SER A 14 -4.14 9.10 -8.74
N GLY A 15 -4.35 9.12 -7.43
CA GLY A 15 -5.66 8.84 -6.88
C GLY A 15 -5.83 7.37 -6.60
N ARG A 16 -4.80 6.77 -6.04
CA ARG A 16 -4.78 5.34 -5.74
C ARG A 16 -4.31 5.12 -4.31
N ILE A 17 -4.92 4.18 -3.61
CA ILE A 17 -4.40 3.77 -2.32
C ILE A 17 -3.43 2.61 -2.56
N TYR A 18 -2.29 2.59 -1.87
CA TYR A 18 -1.27 1.64 -2.25
C TYR A 18 -0.44 1.24 -1.05
N PHE A 19 -0.23 -0.05 -0.94
CA PHE A 19 0.48 -0.59 0.18
C PHE A 19 1.87 -1.02 -0.08
N VAL A 20 2.63 -0.90 0.98
CA VAL A 20 3.93 -1.49 1.08
C VAL A 20 3.99 -2.20 2.44
N ASP A 21 3.92 -3.52 2.37
CA ASP A 21 3.90 -4.37 3.55
C ASP A 21 5.31 -4.80 3.90
N HIS A 22 5.65 -4.71 5.17
CA HIS A 22 7.00 -5.01 5.63
C HIS A 22 7.20 -6.50 5.93
N ASN A 23 6.11 -7.25 6.03
CA ASN A 23 6.19 -8.65 6.40
C ASN A 23 6.67 -9.49 5.22
N ASN A 24 5.85 -9.58 4.19
CA ASN A 24 6.19 -10.36 3.00
C ASN A 24 6.89 -9.47 1.97
N ARG A 25 6.79 -8.16 2.17
CA ARG A 25 7.28 -7.16 1.23
C ARG A 25 6.39 -7.17 -0.01
N THR A 26 5.17 -6.69 0.17
CA THR A 26 4.15 -6.81 -0.85
C THR A 26 3.51 -5.44 -1.13
N THR A 27 3.18 -5.20 -2.39
CA THR A 27 2.47 -3.99 -2.76
C THR A 27 1.01 -4.32 -3.11
N GLN A 28 0.09 -3.70 -2.38
CA GLN A 28 -1.33 -3.96 -2.56
C GLN A 28 -2.07 -2.72 -3.02
N PHE A 29 -2.79 -2.81 -4.12
CA PHE A 29 -3.68 -1.73 -4.55
C PHE A 29 -5.03 -1.86 -3.86
N THR A 30 -5.22 -3.00 -3.21
CA THR A 30 -6.45 -3.26 -2.48
C THR A 30 -6.28 -2.95 -0.99
N ASP A 31 -6.92 -1.87 -0.55
CA ASP A 31 -6.93 -1.50 0.86
C ASP A 31 -8.06 -2.21 1.59
N PRO A 32 -7.75 -2.91 2.69
CA PRO A 32 -8.74 -3.70 3.44
C PRO A 32 -9.74 -2.86 4.22
N ARG A 33 -9.45 -1.58 4.37
CA ARG A 33 -10.30 -0.66 5.12
C ARG A 33 -11.33 -0.01 4.19
N LEU A 34 -10.96 0.19 2.94
CA LEU A 34 -11.86 0.78 1.95
C LEU A 34 -12.88 -0.24 1.44
N HIS A 35 -12.68 -1.50 1.80
CA HIS A 35 -13.56 -2.56 1.35
C HIS A 35 -14.21 -3.24 2.55
N GLU B 1 -4.80 -7.63 -10.14
CA GLU B 1 -5.71 -6.56 -9.70
C GLU B 1 -6.41 -5.85 -10.88
N LEU B 2 -5.86 -6.03 -12.09
CA LEU B 2 -6.43 -5.43 -13.31
C LEU B 2 -6.38 -3.90 -13.27
N GLU B 3 -5.52 -3.37 -12.42
CA GLU B 3 -5.39 -1.93 -12.26
C GLU B 3 -4.10 -1.45 -12.91
N SER B 4 -3.86 -0.15 -12.84
CA SER B 4 -2.58 0.41 -13.27
C SER B 4 -1.47 -0.20 -12.44
N PRO B 5 -0.32 -0.54 -13.04
CA PRO B 5 0.79 -1.18 -12.32
C PRO B 5 1.19 -0.40 -11.06
N PRO B 6 1.09 -1.03 -9.89
CA PRO B 6 1.35 -0.39 -8.59
C PRO B 6 2.83 -0.05 -8.37
N PRO B 7 3.11 0.86 -7.42
CA PRO B 7 4.48 1.29 -7.10
C PRO B 7 5.30 0.18 -6.43
N PRO B 8 6.59 0.08 -6.77
CA PRO B 8 7.50 -0.88 -6.13
C PRO B 8 7.65 -0.60 -4.63
N TYR B 9 7.73 -1.65 -3.83
CA TYR B 9 7.80 -1.52 -2.38
C TYR B 9 9.04 -0.73 -1.95
N SER B 10 8.81 0.53 -1.60
CA SER B 10 9.80 1.35 -0.95
C SER B 10 9.59 1.20 0.55
N ARG B 11 10.67 0.96 1.28
CA ARG B 11 10.57 0.60 2.69
C ARG B 11 9.88 1.71 3.49
N TYR B 12 10.37 2.93 3.36
CA TYR B 12 9.74 4.07 4.00
C TYR B 12 9.31 5.08 2.95
N PRO B 13 8.07 4.93 2.44
CA PRO B 13 7.55 5.77 1.38
C PRO B 13 7.00 7.09 1.89
N MET B 14 7.49 8.19 1.33
CA MET B 14 7.01 9.50 1.70
C MET B 14 6.44 10.23 0.49
N ASP B 15 5.12 10.24 0.40
CA ASP B 15 4.43 10.97 -0.64
C ASP B 15 4.07 12.37 -0.13
N GLY A 1 -4.64 -1.11 16.46
CA GLY A 1 -6.09 -0.85 16.28
C GLY A 1 -6.51 -0.92 14.82
N PRO A 2 -6.85 0.23 14.22
CA PRO A 2 -7.39 0.29 12.86
C PRO A 2 -6.38 -0.12 11.78
N LEU A 3 -5.10 -0.06 12.10
CA LEU A 3 -4.06 -0.39 11.14
C LEU A 3 -2.87 -1.06 11.82
N PRO A 4 -2.56 -2.29 11.40
CA PRO A 4 -1.38 -3.01 11.90
C PRO A 4 -0.09 -2.22 11.64
N PRO A 5 0.79 -2.11 12.63
CA PRO A 5 2.03 -1.32 12.53
C PRO A 5 3.00 -1.82 11.47
N GLY A 6 2.73 -3.00 10.92
CA GLY A 6 3.55 -3.53 9.84
C GLY A 6 3.07 -3.03 8.49
N TRP A 7 1.86 -2.48 8.48
CA TRP A 7 1.25 -1.99 7.26
C TRP A 7 1.55 -0.51 7.06
N GLU A 8 2.36 -0.20 6.06
CA GLU A 8 2.63 1.19 5.73
C GLU A 8 1.68 1.63 4.62
N VAL A 9 0.74 2.51 4.98
CA VAL A 9 -0.30 2.95 4.07
C VAL A 9 0.13 4.21 3.30
N ARG A 10 0.16 4.11 1.98
CA ARG A 10 0.55 5.21 1.12
C ARG A 10 -0.43 5.35 -0.04
N SER A 11 -0.70 6.56 -0.46
CA SER A 11 -1.66 6.81 -1.52
C SER A 11 -1.03 7.59 -2.68
N THR A 12 -1.36 7.21 -3.90
CA THR A 12 -0.87 7.90 -5.09
C THR A 12 -1.87 9.00 -5.48
N VAL A 13 -1.35 10.07 -6.09
CA VAL A 13 -2.16 11.24 -6.44
C VAL A 13 -3.26 10.87 -7.45
N SER A 14 -3.10 9.75 -8.14
CA SER A 14 -4.11 9.24 -9.05
C SER A 14 -5.40 8.89 -8.30
N GLY A 15 -5.29 8.80 -6.98
CA GLY A 15 -6.42 8.43 -6.16
C GLY A 15 -6.47 6.92 -5.95
N ARG A 16 -5.30 6.34 -5.81
CA ARG A 16 -5.19 4.91 -5.57
C ARG A 16 -4.41 4.66 -4.30
N ILE A 17 -4.91 3.74 -3.50
CA ILE A 17 -4.23 3.36 -2.27
C ILE A 17 -3.29 2.22 -2.60
N TYR A 18 -2.13 2.20 -1.95
CA TYR A 18 -1.13 1.21 -2.31
C TYR A 18 -0.30 0.87 -1.10
N PHE A 19 -0.14 -0.40 -0.90
CA PHE A 19 0.54 -0.89 0.24
C PHE A 19 1.94 -1.34 0.01
N VAL A 20 2.70 -1.14 1.05
CA VAL A 20 4.03 -1.67 1.13
C VAL A 20 4.20 -2.27 2.54
N ASP A 21 4.14 -3.58 2.58
CA ASP A 21 4.28 -4.31 3.82
C ASP A 21 5.71 -4.81 3.98
N HIS A 22 6.24 -4.65 5.19
CA HIS A 22 7.64 -4.97 5.48
C HIS A 22 7.85 -6.47 5.71
N ASN A 23 6.77 -7.19 5.99
CA ASN A 23 6.88 -8.61 6.34
C ASN A 23 7.21 -9.44 5.11
N ASN A 24 6.30 -9.46 4.16
CA ASN A 24 6.48 -10.20 2.92
C ASN A 24 7.14 -9.33 1.86
N ARG A 25 7.14 -8.02 2.10
CA ARG A 25 7.64 -7.03 1.15
C ARG A 25 6.78 -7.07 -0.10
N THR A 26 5.52 -6.69 0.07
CA THR A 26 4.54 -6.85 -0.99
C THR A 26 3.76 -5.55 -1.25
N THR A 27 3.53 -5.26 -2.52
CA THR A 27 2.72 -4.12 -2.93
C THR A 27 1.29 -4.57 -3.24
N GLN A 28 0.31 -3.90 -2.64
CA GLN A 28 -1.09 -4.22 -2.87
C GLN A 28 -1.90 -2.98 -3.18
N PHE A 29 -2.70 -3.02 -4.25
CA PHE A 29 -3.61 -1.92 -4.57
C PHE A 29 -4.92 -2.07 -3.80
N THR A 30 -5.09 -3.22 -3.16
CA THR A 30 -6.30 -3.50 -2.41
C THR A 30 -6.15 -3.12 -0.93
N ASP A 31 -6.86 -2.08 -0.52
CA ASP A 31 -6.89 -1.69 0.89
C ASP A 31 -8.01 -2.42 1.61
N PRO A 32 -7.67 -3.23 2.62
CA PRO A 32 -8.63 -4.04 3.36
C PRO A 32 -9.55 -3.20 4.24
N ARG A 33 -9.17 -1.95 4.45
CA ARG A 33 -9.93 -1.04 5.30
C ARG A 33 -11.09 -0.44 4.52
N LEU A 34 -11.05 -0.62 3.20
CA LEU A 34 -12.11 -0.15 2.32
C LEU A 34 -13.31 -1.10 2.39
N HIS A 35 -13.10 -2.23 3.04
CA HIS A 35 -14.15 -3.23 3.22
C HIS A 35 -14.93 -2.95 4.49
N GLU B 1 -9.59 -5.20 -10.36
CA GLU B 1 -8.43 -4.28 -10.45
C GLU B 1 -8.24 -3.79 -11.89
N LEU B 2 -7.49 -4.56 -12.69
CA LEU B 2 -7.11 -4.16 -14.05
C LEU B 2 -6.26 -2.89 -13.99
N GLU B 3 -5.74 -2.60 -12.81
CA GLU B 3 -4.96 -1.39 -12.57
C GLU B 3 -3.60 -1.46 -13.24
N SER B 4 -3.07 -0.29 -13.53
CA SER B 4 -1.69 -0.15 -13.95
C SER B 4 -0.78 -0.73 -12.87
N PRO B 5 0.40 -1.27 -13.26
CA PRO B 5 1.32 -1.91 -12.32
C PRO B 5 1.59 -1.06 -11.08
N PRO B 6 1.25 -1.60 -9.89
CA PRO B 6 1.43 -0.89 -8.63
C PRO B 6 2.89 -0.52 -8.35
N PRO B 7 3.11 0.48 -7.47
CA PRO B 7 4.44 1.02 -7.18
C PRO B 7 5.33 0.00 -6.48
N PRO B 8 6.54 -0.24 -7.00
CA PRO B 8 7.52 -1.17 -6.40
C PRO B 8 7.76 -0.84 -4.93
N TYR B 9 7.92 -1.88 -4.11
CA TYR B 9 8.07 -1.69 -2.67
C TYR B 9 9.31 -0.85 -2.33
N SER B 10 9.05 0.38 -1.91
CA SER B 10 10.06 1.24 -1.34
C SER B 10 9.97 1.12 0.18
N ARG B 11 11.11 0.85 0.83
CA ARG B 11 11.12 0.58 2.26
C ARG B 11 10.56 1.76 3.05
N TYR B 12 11.00 2.96 2.69
CA TYR B 12 10.47 4.17 3.30
C TYR B 12 9.82 5.07 2.25
N PRO B 13 8.52 4.87 1.98
CA PRO B 13 7.78 5.67 1.02
C PRO B 13 7.01 6.80 1.70
N MET B 14 7.41 7.10 2.92
CA MET B 14 6.75 8.10 3.73
C MET B 14 7.09 9.52 3.27
N ASP B 15 6.05 10.26 2.90
CA ASP B 15 6.22 11.65 2.52
C ASP B 15 6.14 12.55 3.74
N GLY A 1 -3.88 -2.49 17.34
CA GLY A 1 -4.69 -1.27 17.16
C GLY A 1 -5.64 -1.38 15.99
N PRO A 2 -6.22 -0.26 15.51
CA PRO A 2 -7.18 -0.26 14.40
C PRO A 2 -6.52 -0.49 13.04
N LEU A 3 -5.19 -0.53 13.04
CA LEU A 3 -4.43 -0.76 11.83
C LEU A 3 -3.07 -1.36 12.20
N PRO A 4 -2.81 -2.60 11.74
CA PRO A 4 -1.57 -3.33 12.03
C PRO A 4 -0.32 -2.48 11.76
N PRO A 5 0.58 -2.38 12.74
CA PRO A 5 1.79 -1.56 12.64
C PRO A 5 2.79 -2.06 11.60
N GLY A 6 2.49 -3.22 11.00
CA GLY A 6 3.30 -3.74 9.92
C GLY A 6 2.86 -3.19 8.58
N TRP A 7 1.66 -2.61 8.56
CA TRP A 7 1.07 -2.06 7.36
C TRP A 7 1.43 -0.60 7.20
N GLU A 8 2.28 -0.30 6.23
CA GLU A 8 2.61 1.08 5.92
C GLU A 8 1.67 1.59 4.83
N VAL A 9 0.75 2.46 5.23
CA VAL A 9 -0.31 2.92 4.35
C VAL A 9 0.10 4.19 3.60
N ARG A 10 0.15 4.08 2.28
CA ARG A 10 0.58 5.19 1.43
C ARG A 10 -0.39 5.36 0.26
N SER A 11 -0.54 6.58 -0.21
CA SER A 11 -1.47 6.89 -1.29
C SER A 11 -0.80 7.70 -2.39
N THR A 12 -1.09 7.36 -3.63
CA THR A 12 -0.52 8.05 -4.77
C THR A 12 -1.40 9.22 -5.18
N VAL A 13 -0.78 10.26 -5.74
CA VAL A 13 -1.47 11.48 -6.14
C VAL A 13 -2.53 11.22 -7.22
N SER A 14 -2.46 10.05 -7.84
CA SER A 14 -3.47 9.64 -8.82
C SER A 14 -4.80 9.39 -8.12
N GLY A 15 -4.76 9.28 -6.80
CA GLY A 15 -5.95 8.97 -6.03
C GLY A 15 -6.13 7.47 -5.86
N ARG A 16 -5.04 6.80 -5.52
CA ARG A 16 -5.07 5.37 -5.29
C ARG A 16 -4.38 5.04 -3.99
N ILE A 17 -4.94 4.09 -3.25
CA ILE A 17 -4.31 3.61 -2.03
C ILE A 17 -3.39 2.46 -2.40
N TYR A 18 -2.25 2.37 -1.76
CA TYR A 18 -1.28 1.37 -2.14
C TYR A 18 -0.48 0.96 -0.93
N PHE A 19 -0.42 -0.31 -0.74
CA PHE A 19 0.23 -0.86 0.40
C PHE A 19 1.62 -1.32 0.15
N VAL A 20 2.40 -1.14 1.18
CA VAL A 20 3.72 -1.69 1.27
C VAL A 20 3.88 -2.29 2.65
N ASP A 21 3.64 -3.59 2.71
CA ASP A 21 3.70 -4.33 3.96
C ASP A 21 5.11 -4.87 4.15
N HIS A 22 5.68 -4.57 5.31
CA HIS A 22 7.08 -4.90 5.58
C HIS A 22 7.29 -6.39 5.85
N ASN A 23 6.19 -7.11 6.10
CA ASN A 23 6.28 -8.53 6.39
C ASN A 23 6.57 -9.31 5.12
N ASN A 24 5.75 -9.09 4.11
CA ASN A 24 5.88 -9.79 2.83
C ASN A 24 6.70 -8.97 1.85
N ARG A 25 6.89 -7.68 2.16
CA ARG A 25 7.56 -6.74 1.27
C ARG A 25 6.77 -6.63 -0.03
N THR A 26 5.45 -6.54 0.10
CA THR A 26 4.57 -6.61 -1.06
C THR A 26 3.78 -5.31 -1.25
N THR A 27 3.47 -5.01 -2.50
CA THR A 27 2.66 -3.85 -2.85
C THR A 27 1.28 -4.27 -3.34
N GLN A 28 0.24 -3.72 -2.73
CA GLN A 28 -1.14 -4.05 -3.08
C GLN A 28 -1.95 -2.78 -3.36
N PHE A 29 -2.80 -2.80 -4.37
CA PHE A 29 -3.65 -1.66 -4.65
C PHE A 29 -5.01 -1.79 -3.95
N THR A 30 -5.27 -2.97 -3.40
CA THR A 30 -6.50 -3.22 -2.69
C THR A 30 -6.34 -3.01 -1.19
N ASP A 31 -7.15 -2.11 -0.64
CA ASP A 31 -7.20 -1.88 0.81
C ASP A 31 -8.30 -2.75 1.41
N PRO A 32 -7.94 -3.68 2.31
CA PRO A 32 -8.88 -4.65 2.87
C PRO A 32 -9.92 -4.03 3.80
N ARG A 33 -9.66 -2.81 4.21
CA ARG A 33 -10.53 -2.10 5.14
C ARG A 33 -11.58 -1.29 4.39
N LEU A 34 -11.20 -0.78 3.23
CA LEU A 34 -12.08 0.04 2.42
C LEU A 34 -12.87 -0.79 1.42
N HIS A 35 -12.43 -2.04 1.23
CA HIS A 35 -13.05 -2.91 0.25
C HIS A 35 -13.91 -3.98 0.93
N GLU B 1 -5.91 -6.81 -10.47
CA GLU B 1 -6.33 -5.62 -9.69
C GLU B 1 -7.11 -4.65 -10.59
N LEU B 2 -7.02 -4.87 -11.91
CA LEU B 2 -7.63 -3.99 -12.92
C LEU B 2 -6.98 -2.61 -12.92
N GLU B 3 -5.89 -2.49 -12.18
CA GLU B 3 -5.15 -1.24 -12.10
C GLU B 3 -3.81 -1.33 -12.83
N SER B 4 -3.20 -0.17 -13.03
CA SER B 4 -1.83 -0.10 -13.51
C SER B 4 -0.90 -0.75 -12.50
N PRO B 5 0.28 -1.25 -12.94
CA PRO B 5 1.25 -1.85 -12.04
C PRO B 5 1.55 -0.97 -10.82
N PRO B 6 1.29 -1.50 -9.61
CA PRO B 6 1.51 -0.77 -8.36
C PRO B 6 2.99 -0.41 -8.14
N PRO B 7 3.25 0.56 -7.24
CA PRO B 7 4.59 1.10 -6.99
C PRO B 7 5.53 0.05 -6.38
N PRO B 8 6.73 -0.10 -6.95
CA PRO B 8 7.74 -1.01 -6.43
C PRO B 8 8.03 -0.74 -4.96
N TYR B 9 8.05 -1.80 -4.15
CA TYR B 9 8.23 -1.64 -2.71
C TYR B 9 9.56 -0.97 -2.40
N SER B 10 9.47 0.30 -2.05
CA SER B 10 10.58 1.06 -1.52
C SER B 10 10.49 0.99 0.00
N ARG B 11 11.62 1.05 0.69
CA ARG B 11 11.65 0.75 2.11
C ARG B 11 10.72 1.67 2.89
N TYR B 12 11.00 2.96 2.88
CA TYR B 12 10.10 3.92 3.49
C TYR B 12 9.59 4.91 2.45
N PRO B 13 8.38 4.66 1.93
CA PRO B 13 7.75 5.48 0.90
C PRO B 13 7.08 6.72 1.47
N MET B 14 7.43 7.87 0.92
CA MET B 14 6.84 9.13 1.36
C MET B 14 6.32 9.91 0.16
N ASP B 15 5.04 10.20 0.16
CA ASP B 15 4.42 10.94 -0.93
C ASP B 15 3.92 12.27 -0.43
N GLY A 1 -5.87 2.49 16.84
CA GLY A 1 -6.32 2.15 15.48
C GLY A 1 -6.17 0.67 15.21
N PRO A 2 -7.01 0.09 14.33
CA PRO A 2 -6.96 -1.34 14.02
C PRO A 2 -5.94 -1.66 12.94
N LEU A 3 -5.22 -0.65 12.48
CA LEU A 3 -4.22 -0.84 11.45
C LEU A 3 -2.85 -1.12 12.08
N PRO A 4 -2.30 -2.31 11.83
CA PRO A 4 -1.01 -2.73 12.38
C PRO A 4 0.14 -1.86 11.84
N PRO A 5 1.12 -1.54 12.69
CA PRO A 5 2.26 -0.68 12.32
C PRO A 5 3.16 -1.31 11.25
N GLY A 6 2.86 -2.55 10.88
CA GLY A 6 3.59 -3.21 9.81
C GLY A 6 3.02 -2.84 8.45
N TRP A 7 1.82 -2.30 8.46
CA TRP A 7 1.16 -1.87 7.24
C TRP A 7 1.50 -0.42 6.96
N GLU A 8 2.38 -0.20 5.98
CA GLU A 8 2.79 1.14 5.63
C GLU A 8 1.86 1.69 4.56
N VAL A 9 1.10 2.70 4.93
CA VAL A 9 0.02 3.20 4.10
C VAL A 9 0.44 4.43 3.31
N ARG A 10 0.54 4.27 2.00
CA ARG A 10 0.97 5.35 1.12
C ARG A 10 -0.07 5.58 0.02
N SER A 11 -0.25 6.83 -0.37
CA SER A 11 -1.29 7.19 -1.33
C SER A 11 -0.70 7.86 -2.57
N THR A 12 -1.20 7.49 -3.74
CA THR A 12 -0.79 8.11 -4.99
C THR A 12 -1.75 9.24 -5.36
N VAL A 13 -1.22 10.30 -5.98
CA VAL A 13 -2.01 11.46 -6.37
C VAL A 13 -3.08 11.10 -7.40
N SER A 14 -2.93 9.92 -8.00
CA SER A 14 -3.92 9.37 -8.92
C SER A 14 -5.24 9.10 -8.21
N GLY A 15 -5.21 9.10 -6.88
CA GLY A 15 -6.39 8.79 -6.10
C GLY A 15 -6.48 7.31 -5.81
N ARG A 16 -5.32 6.69 -5.58
CA ARG A 16 -5.26 5.28 -5.25
C ARG A 16 -4.45 5.08 -3.99
N ILE A 17 -4.95 4.22 -3.12
CA ILE A 17 -4.21 3.82 -1.94
C ILE A 17 -3.39 2.60 -2.31
N TYR A 18 -2.21 2.46 -1.74
CA TYR A 18 -1.31 1.40 -2.17
C TYR A 18 -0.45 0.97 -1.02
N PHE A 19 -0.36 -0.32 -0.86
CA PHE A 19 0.32 -0.89 0.25
C PHE A 19 1.71 -1.36 -0.04
N VAL A 20 2.53 -1.13 0.96
CA VAL A 20 3.85 -1.68 1.01
C VAL A 20 4.03 -2.32 2.39
N ASP A 21 3.97 -3.64 2.38
CA ASP A 21 4.09 -4.43 3.59
C ASP A 21 5.52 -4.93 3.74
N HIS A 22 6.06 -4.79 4.95
CA HIS A 22 7.45 -5.11 5.22
C HIS A 22 7.67 -6.60 5.45
N ASN A 23 6.60 -7.32 5.73
CA ASN A 23 6.70 -8.74 6.07
C ASN A 23 7.00 -9.56 4.83
N ASN A 24 6.05 -9.57 3.90
CA ASN A 24 6.22 -10.32 2.66
C ASN A 24 6.88 -9.46 1.59
N ARG A 25 6.92 -8.15 1.86
CA ARG A 25 7.47 -7.18 0.92
C ARG A 25 6.64 -7.17 -0.35
N THR A 26 5.40 -6.74 -0.20
CA THR A 26 4.45 -6.80 -1.30
C THR A 26 3.75 -5.45 -1.49
N THR A 27 3.41 -5.15 -2.74
CA THR A 27 2.63 -3.96 -3.04
C THR A 27 1.21 -4.35 -3.43
N GLN A 28 0.24 -3.86 -2.67
CA GLN A 28 -1.16 -4.20 -2.90
C GLN A 28 -2.01 -2.95 -3.09
N PHE A 29 -2.74 -2.87 -4.20
CA PHE A 29 -3.75 -1.84 -4.37
C PHE A 29 -5.02 -2.22 -3.59
N THR A 30 -5.03 -3.46 -3.11
CA THR A 30 -6.16 -3.99 -2.36
C THR A 30 -6.08 -3.57 -0.89
N ASP A 31 -6.91 -2.60 -0.51
CA ASP A 31 -7.00 -2.16 0.88
C ASP A 31 -8.14 -2.91 1.57
N PRO A 32 -7.82 -3.68 2.63
CA PRO A 32 -8.82 -4.52 3.33
C PRO A 32 -9.87 -3.72 4.09
N ARG A 33 -9.61 -2.43 4.27
CA ARG A 33 -10.50 -1.55 4.98
C ARG A 33 -11.51 -0.91 4.01
N LEU A 34 -11.21 -1.01 2.72
CA LEU A 34 -12.06 -0.46 1.69
C LEU A 34 -13.13 -1.48 1.29
N HIS A 35 -12.81 -2.76 1.43
CA HIS A 35 -13.69 -3.81 0.96
C HIS A 35 -14.31 -4.58 2.12
N GLU B 1 -6.10 -6.85 -10.83
CA GLU B 1 -6.87 -5.85 -10.04
C GLU B 1 -7.52 -4.82 -10.97
N LEU B 2 -7.26 -4.94 -12.28
CA LEU B 2 -7.79 -4.00 -13.28
C LEU B 2 -7.17 -2.62 -13.12
N GLU B 3 -6.11 -2.55 -12.33
CA GLU B 3 -5.42 -1.30 -12.07
C GLU B 3 -4.09 -1.26 -12.81
N SER B 4 -3.50 -0.08 -12.87
CA SER B 4 -2.17 0.10 -13.41
C SER B 4 -1.17 -0.56 -12.47
N PRO B 5 0.03 -0.95 -12.96
CA PRO B 5 1.03 -1.64 -12.15
C PRO B 5 1.34 -0.91 -10.84
N PRO B 6 1.08 -1.59 -9.71
CA PRO B 6 1.37 -1.05 -8.37
C PRO B 6 2.82 -0.59 -8.20
N PRO B 7 3.03 0.43 -7.36
CA PRO B 7 4.34 1.05 -7.13
C PRO B 7 5.31 0.08 -6.43
N PRO B 8 6.53 -0.09 -6.99
CA PRO B 8 7.54 -0.99 -6.43
C PRO B 8 7.81 -0.73 -4.95
N TYR B 9 7.87 -1.80 -4.16
CA TYR B 9 8.10 -1.70 -2.73
C TYR B 9 9.43 -1.02 -2.43
N SER B 10 9.34 0.23 -2.02
CA SER B 10 10.46 0.96 -1.46
C SER B 10 10.35 0.89 0.05
N ARG B 11 11.47 0.90 0.77
CA ARG B 11 11.45 0.58 2.20
C ARG B 11 10.58 1.58 2.96
N TYR B 12 10.96 2.83 2.95
CA TYR B 12 10.18 3.88 3.60
C TYR B 12 9.71 4.90 2.57
N PRO B 13 8.48 4.73 2.09
CA PRO B 13 7.90 5.57 1.06
C PRO B 13 7.04 6.68 1.64
N MET B 14 7.15 6.89 2.95
CA MET B 14 6.35 7.90 3.63
C MET B 14 6.87 9.29 3.32
N ASP B 15 5.99 10.14 2.83
CA ASP B 15 6.35 11.52 2.51
C ASP B 15 5.99 12.43 3.67
N GLY A 1 -5.48 2.73 16.99
CA GLY A 1 -5.21 2.51 15.56
C GLY A 1 -5.66 1.13 15.09
N PRO A 2 -6.78 1.06 14.33
CA PRO A 2 -7.27 -0.20 13.78
C PRO A 2 -6.40 -0.73 12.65
N LEU A 3 -5.44 0.10 12.24
CA LEU A 3 -4.49 -0.29 11.21
C LEU A 3 -3.18 -0.73 11.86
N PRO A 4 -2.83 -2.02 11.71
CA PRO A 4 -1.61 -2.60 12.31
C PRO A 4 -0.34 -1.84 11.91
N PRO A 5 0.60 -1.64 12.86
CA PRO A 5 1.89 -0.97 12.57
C PRO A 5 2.71 -1.69 11.51
N GLY A 6 2.31 -2.91 11.17
CA GLY A 6 3.00 -3.65 10.12
C GLY A 6 2.52 -3.23 8.74
N TRP A 7 1.38 -2.55 8.71
CA TRP A 7 0.81 -2.08 7.45
C TRP A 7 1.26 -0.65 7.18
N GLU A 8 2.23 -0.52 6.28
CA GLU A 8 2.75 0.78 5.93
C GLU A 8 1.98 1.32 4.74
N VAL A 9 1.14 2.31 5.01
CA VAL A 9 0.16 2.77 4.05
C VAL A 9 0.62 4.05 3.35
N ARG A 10 0.48 4.05 2.03
CA ARG A 10 0.74 5.23 1.22
C ARG A 10 -0.31 5.34 0.13
N SER A 11 -0.62 6.57 -0.27
CA SER A 11 -1.66 6.80 -1.27
C SER A 11 -1.17 7.77 -2.34
N THR A 12 -1.49 7.49 -3.59
CA THR A 12 -1.17 8.41 -4.67
C THR A 12 -2.34 9.38 -4.87
N VAL A 13 -2.02 10.62 -5.23
CA VAL A 13 -3.03 11.66 -5.35
C VAL A 13 -4.01 11.36 -6.49
N SER A 14 -3.62 10.42 -7.35
CA SER A 14 -4.47 9.94 -8.42
C SER A 14 -5.75 9.30 -7.87
N GLY A 15 -5.75 9.02 -6.57
CA GLY A 15 -6.87 8.34 -5.96
C GLY A 15 -6.69 6.84 -6.01
N ARG A 16 -5.54 6.41 -5.51
CA ARG A 16 -5.19 5.01 -5.45
C ARG A 16 -4.51 4.70 -4.13
N ILE A 17 -5.04 3.73 -3.40
CA ILE A 17 -4.41 3.28 -2.18
C ILE A 17 -3.46 2.15 -2.53
N TYR A 18 -2.32 2.10 -1.89
CA TYR A 18 -1.32 1.12 -2.25
C TYR A 18 -0.50 0.76 -1.03
N PHE A 19 -0.49 -0.51 -0.75
CA PHE A 19 0.16 -1.02 0.42
C PHE A 19 1.53 -1.53 0.18
N VAL A 20 2.31 -1.41 1.23
CA VAL A 20 3.64 -1.95 1.27
C VAL A 20 3.86 -2.55 2.67
N ASP A 21 3.96 -3.88 2.69
CA ASP A 21 4.21 -4.59 3.93
C ASP A 21 5.68 -4.92 4.02
N HIS A 22 6.23 -4.87 5.23
CA HIS A 22 7.66 -5.03 5.44
C HIS A 22 8.06 -6.50 5.63
N ASN A 23 7.09 -7.37 5.89
CA ASN A 23 7.40 -8.76 6.21
C ASN A 23 7.62 -9.57 4.94
N ASN A 24 6.64 -9.54 4.06
CA ASN A 24 6.76 -10.22 2.77
C ASN A 24 7.30 -9.26 1.72
N ARG A 25 7.27 -7.96 2.04
CA ARG A 25 7.65 -6.90 1.11
C ARG A 25 6.76 -6.95 -0.13
N THR A 26 5.51 -6.60 0.06
CA THR A 26 4.50 -6.75 -0.99
C THR A 26 3.74 -5.44 -1.22
N THR A 27 3.30 -5.25 -2.46
CA THR A 27 2.52 -4.08 -2.83
C THR A 27 1.12 -4.49 -3.28
N GLN A 28 0.10 -3.93 -2.66
CA GLN A 28 -1.30 -4.23 -2.99
C GLN A 28 -2.09 -2.95 -3.28
N PHE A 29 -2.79 -2.92 -4.39
CA PHE A 29 -3.62 -1.77 -4.75
C PHE A 29 -4.98 -1.82 -4.04
N THR A 30 -5.26 -2.95 -3.42
CA THR A 30 -6.53 -3.14 -2.74
C THR A 30 -6.38 -2.92 -1.23
N ASP A 31 -7.37 -2.28 -0.63
CA ASP A 31 -7.35 -1.97 0.79
C ASP A 31 -8.44 -2.76 1.52
N PRO A 32 -8.07 -3.48 2.60
CA PRO A 32 -9.01 -4.33 3.35
C PRO A 32 -10.08 -3.53 4.09
N ARG A 33 -9.87 -2.24 4.24
CA ARG A 33 -10.81 -1.39 4.96
C ARG A 33 -11.86 -0.83 4.01
N LEU A 34 -11.63 -1.00 2.71
CA LEU A 34 -12.54 -0.49 1.70
C LEU A 34 -13.59 -1.53 1.31
N HIS A 35 -13.35 -2.78 1.67
CA HIS A 35 -14.34 -3.82 1.43
C HIS A 35 -14.75 -4.46 2.75
N GLU B 1 -5.45 -7.69 -10.22
CA GLU B 1 -6.11 -6.39 -10.00
C GLU B 1 -6.60 -5.77 -11.30
N LEU B 2 -5.85 -6.00 -12.39
CA LEU B 2 -6.19 -5.46 -13.72
C LEU B 2 -6.09 -3.94 -13.74
N GLU B 3 -5.51 -3.39 -12.67
CA GLU B 3 -5.39 -1.94 -12.52
C GLU B 3 -4.09 -1.44 -13.14
N SER B 4 -3.90 -0.13 -13.10
CA SER B 4 -2.64 0.48 -13.49
C SER B 4 -1.51 -0.12 -12.65
N PRO B 5 -0.28 -0.21 -13.19
CA PRO B 5 0.84 -0.82 -12.49
C PRO B 5 1.11 -0.16 -11.12
N PRO B 6 1.02 -0.96 -10.05
CA PRO B 6 1.31 -0.50 -8.68
C PRO B 6 2.73 0.05 -8.54
N PRO B 7 2.94 0.97 -7.59
CA PRO B 7 4.23 1.62 -7.36
C PRO B 7 5.22 0.65 -6.71
N PRO B 8 6.40 0.46 -7.33
CA PRO B 8 7.43 -0.48 -6.85
C PRO B 8 7.77 -0.27 -5.38
N TYR B 9 7.89 -1.38 -4.64
CA TYR B 9 8.15 -1.30 -3.21
C TYR B 9 9.55 -0.77 -2.91
N SER B 10 9.62 0.49 -2.56
CA SER B 10 10.80 1.05 -1.94
C SER B 10 10.65 0.83 -0.44
N ARG B 11 11.73 0.53 0.26
CA ARG B 11 11.63 0.09 1.65
C ARG B 11 10.96 1.13 2.52
N TYR B 12 11.33 2.38 2.33
CA TYR B 12 10.70 3.47 3.06
C TYR B 12 10.04 4.45 2.11
N PRO B 13 8.70 4.44 2.04
CA PRO B 13 7.94 5.37 1.23
C PRO B 13 7.54 6.58 2.05
N MET B 14 8.32 6.84 3.09
CA MET B 14 8.01 7.87 4.05
C MET B 14 8.42 9.25 3.56
N ASP B 15 7.50 9.91 2.88
CA ASP B 15 7.68 11.29 2.49
C ASP B 15 7.11 12.19 3.58
N GLY A 1 -5.37 -2.17 17.62
CA GLY A 1 -4.82 -0.85 17.24
C GLY A 1 -5.34 -0.40 15.90
N PRO A 2 -5.30 0.91 15.60
CA PRO A 2 -5.76 1.46 14.33
C PRO A 2 -4.74 1.21 13.22
N LEU A 3 -5.03 0.23 12.37
CA LEU A 3 -4.14 -0.17 11.27
C LEU A 3 -2.85 -0.80 11.80
N PRO A 4 -2.62 -2.08 11.47
CA PRO A 4 -1.39 -2.78 11.85
C PRO A 4 -0.14 -2.01 11.39
N PRO A 5 0.82 -1.80 12.30
CA PRO A 5 2.02 -0.99 12.03
C PRO A 5 2.92 -1.59 10.94
N GLY A 6 2.60 -2.79 10.49
CA GLY A 6 3.32 -3.40 9.40
C GLY A 6 2.79 -2.92 8.06
N TRP A 7 1.58 -2.37 8.08
CA TRP A 7 0.94 -1.86 6.88
C TRP A 7 1.24 -0.38 6.70
N GLU A 8 2.15 -0.08 5.79
CA GLU A 8 2.46 1.30 5.48
C GLU A 8 1.54 1.76 4.35
N VAL A 9 0.57 2.59 4.73
CA VAL A 9 -0.47 3.02 3.81
C VAL A 9 -0.09 4.33 3.12
N ARG A 10 0.21 4.23 1.84
CA ARG A 10 0.61 5.38 1.06
C ARG A 10 -0.31 5.57 -0.12
N SER A 11 -0.50 6.81 -0.54
CA SER A 11 -1.45 7.12 -1.60
C SER A 11 -0.83 8.09 -2.60
N THR A 12 -1.02 7.81 -3.89
CA THR A 12 -0.52 8.67 -4.94
C THR A 12 -1.56 9.73 -5.30
N VAL A 13 -1.09 10.90 -5.74
CA VAL A 13 -1.97 12.02 -6.10
C VAL A 13 -2.93 11.63 -7.23
N SER A 14 -2.61 10.52 -7.89
CA SER A 14 -3.45 9.97 -8.96
C SER A 14 -4.84 9.59 -8.43
N GLY A 15 -4.98 9.52 -7.11
CA GLY A 15 -6.23 9.08 -6.52
C GLY A 15 -6.25 7.58 -6.32
N ARG A 16 -5.10 7.06 -5.91
CA ARG A 16 -4.94 5.63 -5.70
C ARG A 16 -4.25 5.36 -4.38
N ILE A 17 -4.80 4.40 -3.63
CA ILE A 17 -4.12 3.91 -2.43
C ILE A 17 -3.21 2.76 -2.84
N TYR A 18 -2.09 2.60 -2.19
CA TYR A 18 -1.12 1.60 -2.60
C TYR A 18 -0.35 1.12 -1.41
N PHE A 19 -0.36 -0.17 -1.23
CA PHE A 19 0.26 -0.75 -0.08
C PHE A 19 1.65 -1.23 -0.29
N VAL A 20 2.42 -1.00 0.76
CA VAL A 20 3.74 -1.54 0.88
C VAL A 20 3.88 -2.13 2.29
N ASP A 21 3.73 -3.43 2.37
CA ASP A 21 3.79 -4.15 3.63
C ASP A 21 5.19 -4.69 3.86
N HIS A 22 5.72 -4.42 5.05
CA HIS A 22 7.08 -4.79 5.40
C HIS A 22 7.22 -6.28 5.70
N ASN A 23 6.11 -6.95 5.93
CA ASN A 23 6.14 -8.36 6.31
C ASN A 23 6.38 -9.24 5.10
N ASN A 24 5.54 -9.06 4.09
CA ASN A 24 5.64 -9.85 2.85
C ASN A 24 6.45 -9.10 1.80
N ARG A 25 6.66 -7.79 2.03
CA ARG A 25 7.31 -6.91 1.05
C ARG A 25 6.39 -6.77 -0.16
N THR A 26 5.09 -6.76 0.11
CA THR A 26 4.10 -6.88 -0.93
C THR A 26 3.48 -5.52 -1.29
N THR A 27 3.08 -5.38 -2.54
CA THR A 27 2.45 -4.17 -3.02
C THR A 27 1.03 -4.46 -3.51
N GLN A 28 0.05 -3.89 -2.81
CA GLN A 28 -1.36 -4.15 -3.11
C GLN A 28 -2.09 -2.86 -3.43
N PHE A 29 -2.83 -2.87 -4.53
CA PHE A 29 -3.70 -1.74 -4.89
C PHE A 29 -5.06 -1.92 -4.23
N THR A 30 -5.27 -3.09 -3.66
CA THR A 30 -6.53 -3.43 -3.04
C THR A 30 -6.44 -3.29 -1.51
N ASP A 31 -7.21 -2.36 -0.97
CA ASP A 31 -7.26 -2.13 0.47
C ASP A 31 -8.28 -3.07 1.12
N PRO A 32 -7.85 -3.83 2.13
CA PRO A 32 -8.69 -4.84 2.80
C PRO A 32 -9.68 -4.24 3.80
N ARG A 33 -9.44 -2.99 4.16
CA ARG A 33 -10.26 -2.29 5.14
C ARG A 33 -11.50 -1.70 4.49
N LEU A 34 -11.36 -1.31 3.22
CA LEU A 34 -12.46 -0.72 2.48
C LEU A 34 -13.46 -1.77 2.03
N HIS A 35 -13.09 -3.04 2.20
CA HIS A 35 -13.94 -4.15 1.77
C HIS A 35 -14.93 -4.52 2.88
N GLU B 1 -6.80 -8.50 -9.61
CA GLU B 1 -6.56 -7.03 -9.58
C GLU B 1 -6.97 -6.38 -10.90
N LEU B 2 -6.21 -6.68 -11.96
CA LEU B 2 -6.44 -6.08 -13.28
C LEU B 2 -6.25 -4.57 -13.23
N GLU B 3 -5.51 -4.13 -12.22
CA GLU B 3 -5.26 -2.71 -12.00
C GLU B 3 -4.00 -2.28 -12.74
N SER B 4 -3.92 -1.00 -13.09
CA SER B 4 -2.70 -0.43 -13.62
C SER B 4 -1.55 -0.68 -12.66
N PRO B 5 -0.33 -0.92 -13.18
CA PRO B 5 0.83 -1.28 -12.36
C PRO B 5 1.05 -0.33 -11.18
N PRO B 6 1.00 -0.88 -9.96
CA PRO B 6 1.26 -0.14 -8.71
C PRO B 6 2.75 0.25 -8.56
N PRO B 7 3.05 1.20 -7.66
CA PRO B 7 4.42 1.62 -7.37
C PRO B 7 5.21 0.52 -6.67
N PRO B 8 6.43 0.21 -7.17
CA PRO B 8 7.29 -0.84 -6.61
C PRO B 8 7.59 -0.63 -5.13
N TYR B 9 7.64 -1.72 -4.37
CA TYR B 9 7.88 -1.65 -2.93
C TYR B 9 9.24 -1.01 -2.61
N SER B 10 9.18 0.24 -2.19
CA SER B 10 10.31 0.90 -1.57
C SER B 10 10.07 0.84 -0.07
N ARG B 11 11.11 0.53 0.71
CA ARG B 11 10.93 0.21 2.12
C ARG B 11 10.29 1.37 2.89
N TYR B 12 10.85 2.57 2.75
CA TYR B 12 10.36 3.71 3.53
C TYR B 12 9.87 4.82 2.63
N PRO B 13 8.55 4.85 2.37
CA PRO B 13 7.91 5.88 1.59
C PRO B 13 7.31 6.97 2.46
N MET B 14 7.67 6.95 3.75
CA MET B 14 7.15 7.91 4.71
C MET B 14 7.77 9.28 4.50
N ASP B 15 6.92 10.23 4.15
CA ASP B 15 7.33 11.61 3.92
C ASP B 15 6.18 12.53 4.29
N GLY A 1 -6.31 -1.40 18.04
CA GLY A 1 -5.19 -0.90 17.19
C GLY A 1 -5.63 -0.68 15.76
N PRO A 2 -5.94 0.57 15.38
CA PRO A 2 -6.34 0.91 14.01
C PRO A 2 -5.19 0.74 13.03
N LEU A 3 -5.34 -0.24 12.12
CA LEU A 3 -4.33 -0.54 11.10
C LEU A 3 -3.08 -1.17 11.74
N PRO A 4 -2.75 -2.40 11.34
CA PRO A 4 -1.53 -3.08 11.83
C PRO A 4 -0.26 -2.32 11.47
N PRO A 5 0.67 -2.17 12.43
CA PRO A 5 1.90 -1.38 12.27
C PRO A 5 2.86 -1.95 11.23
N GLY A 6 2.49 -3.05 10.60
CA GLY A 6 3.27 -3.60 9.52
C GLY A 6 2.84 -3.03 8.18
N TRP A 7 1.63 -2.46 8.16
CA TRP A 7 1.04 -1.93 6.95
C TRP A 7 1.37 -0.46 6.79
N GLU A 8 2.21 -0.13 5.81
CA GLU A 8 2.51 1.25 5.51
C GLU A 8 1.59 1.73 4.40
N VAL A 9 0.64 2.58 4.78
CA VAL A 9 -0.40 3.03 3.87
C VAL A 9 -0.03 4.35 3.20
N ARG A 10 0.21 4.28 1.89
CA ARG A 10 0.60 5.46 1.14
C ARG A 10 -0.31 5.65 -0.06
N SER A 11 -0.59 6.90 -0.39
CA SER A 11 -1.53 7.24 -1.45
C SER A 11 -0.83 8.03 -2.54
N THR A 12 -1.12 7.71 -3.79
CA THR A 12 -0.56 8.41 -4.93
C THR A 12 -1.52 9.47 -5.45
N VAL A 13 -0.97 10.55 -6.02
CA VAL A 13 -1.76 11.67 -6.55
C VAL A 13 -2.70 11.23 -7.68
N SER A 14 -2.45 10.03 -8.20
CA SER A 14 -3.28 9.45 -9.24
C SER A 14 -4.70 9.16 -8.71
N GLY A 15 -4.86 9.19 -7.39
CA GLY A 15 -6.12 8.83 -6.79
C GLY A 15 -6.17 7.35 -6.48
N ARG A 16 -5.06 6.86 -5.95
CA ARG A 16 -4.88 5.44 -5.69
C ARG A 16 -4.23 5.23 -4.33
N ILE A 17 -4.78 4.32 -3.54
CA ILE A 17 -4.13 3.89 -2.32
C ILE A 17 -3.24 2.71 -2.67
N TYR A 18 -2.06 2.64 -2.10
CA TYR A 18 -1.10 1.64 -2.53
C TYR A 18 -0.31 1.16 -1.36
N PHE A 19 -0.25 -0.13 -1.22
CA PHE A 19 0.38 -0.72 -0.09
C PHE A 19 1.79 -1.16 -0.31
N VAL A 20 2.56 -0.93 0.73
CA VAL A 20 3.88 -1.46 0.85
C VAL A 20 4.00 -2.07 2.25
N ASP A 21 3.85 -3.38 2.29
CA ASP A 21 3.91 -4.13 3.54
C ASP A 21 5.31 -4.65 3.77
N HIS A 22 5.78 -4.52 5.00
CA HIS A 22 7.16 -4.83 5.32
C HIS A 22 7.40 -6.32 5.58
N ASN A 23 6.32 -7.07 5.78
CA ASN A 23 6.47 -8.50 6.10
C ASN A 23 6.58 -9.34 4.83
N ASN A 24 5.67 -9.11 3.90
CA ASN A 24 5.70 -9.81 2.62
C ASN A 24 6.53 -9.03 1.62
N ARG A 25 6.81 -7.77 1.96
CA ARG A 25 7.50 -6.84 1.07
C ARG A 25 6.68 -6.67 -0.21
N THR A 26 5.37 -6.61 -0.02
CA THR A 26 4.45 -6.70 -1.14
C THR A 26 3.75 -5.38 -1.40
N THR A 27 3.41 -5.15 -2.67
CA THR A 27 2.61 -4.02 -3.06
C THR A 27 1.19 -4.48 -3.41
N GLN A 28 0.20 -3.88 -2.77
CA GLN A 28 -1.19 -4.27 -2.98
C GLN A 28 -2.03 -3.06 -3.35
N PHE A 29 -2.90 -3.23 -4.33
CA PHE A 29 -3.87 -2.21 -4.69
C PHE A 29 -5.23 -2.56 -4.08
N THR A 30 -5.39 -3.83 -3.72
CA THR A 30 -6.57 -4.27 -3.02
C THR A 30 -6.44 -3.99 -1.53
N ASP A 31 -6.89 -2.79 -1.13
CA ASP A 31 -6.84 -2.37 0.26
C ASP A 31 -8.00 -2.99 1.05
N PRO A 32 -7.69 -3.57 2.23
CA PRO A 32 -8.69 -4.21 3.08
C PRO A 32 -9.55 -3.22 3.87
N ARG A 33 -9.12 -1.97 3.93
CA ARG A 33 -9.83 -0.96 4.70
C ARG A 33 -11.11 -0.54 3.98
N LEU A 34 -10.98 -0.21 2.70
CA LEU A 34 -12.12 0.21 1.88
C LEU A 34 -13.06 -0.95 1.58
N HIS A 35 -12.63 -2.16 1.92
CA HIS A 35 -13.48 -3.33 1.74
C HIS A 35 -14.03 -3.78 3.09
N GLU B 1 -5.23 -8.03 -9.00
CA GLU B 1 -5.65 -6.61 -8.84
C GLU B 1 -6.38 -6.13 -10.09
N LEU B 2 -5.79 -6.43 -11.26
CA LEU B 2 -6.37 -6.07 -12.57
C LEU B 2 -6.41 -4.55 -12.77
N GLU B 3 -5.76 -3.83 -11.88
CA GLU B 3 -5.74 -2.37 -11.92
C GLU B 3 -4.48 -1.86 -12.60
N SER B 4 -4.37 -0.55 -12.70
CA SER B 4 -3.16 0.10 -13.21
C SER B 4 -1.93 -0.36 -12.41
N PRO B 5 -0.76 -0.43 -13.05
CA PRO B 5 0.47 -0.89 -12.37
C PRO B 5 0.76 -0.13 -11.08
N PRO B 6 0.81 -0.85 -9.95
CA PRO B 6 1.11 -0.26 -8.63
C PRO B 6 2.61 0.07 -8.46
N PRO B 7 2.93 1.03 -7.58
CA PRO B 7 4.32 1.39 -7.28
C PRO B 7 5.06 0.27 -6.55
N PRO B 8 6.22 -0.14 -7.07
CA PRO B 8 7.05 -1.18 -6.44
C PRO B 8 7.40 -0.87 -4.99
N TYR B 9 7.49 -1.89 -4.16
CA TYR B 9 7.75 -1.71 -2.73
C TYR B 9 9.08 -1.00 -2.48
N SER B 10 8.97 0.26 -2.09
CA SER B 10 10.09 0.98 -1.54
C SER B 10 9.98 0.93 -0.02
N ARG B 11 11.10 0.81 0.67
CA ARG B 11 11.07 0.54 2.11
C ARG B 11 10.33 1.64 2.86
N TYR B 12 10.82 2.87 2.77
CA TYR B 12 10.15 3.98 3.40
C TYR B 12 9.76 5.02 2.36
N PRO B 13 8.49 4.96 1.92
CA PRO B 13 7.98 5.85 0.88
C PRO B 13 7.80 7.29 1.35
N MET B 14 6.83 7.51 2.23
CA MET B 14 6.55 8.84 2.75
C MET B 14 6.46 8.80 4.27
N ASP B 15 6.84 9.91 4.89
CA ASP B 15 6.77 10.04 6.34
C ASP B 15 5.52 10.82 6.71
N GLY A 1 -11.42 -1.45 14.07
CA GLY A 1 -10.16 -1.94 13.45
C GLY A 1 -9.28 -0.80 12.97
N PRO A 2 -8.04 -0.72 13.47
CA PRO A 2 -7.09 0.31 13.07
C PRO A 2 -6.36 -0.06 11.78
N LEU A 3 -5.03 -0.01 11.82
CA LEU A 3 -4.22 -0.36 10.67
C LEU A 3 -2.95 -1.06 11.18
N PRO A 4 -2.67 -2.28 10.69
CA PRO A 4 -1.51 -3.06 11.11
C PRO A 4 -0.20 -2.30 10.97
N PRO A 5 0.63 -2.30 12.02
CA PRO A 5 1.90 -1.55 12.04
C PRO A 5 2.95 -2.14 11.10
N GLY A 6 2.63 -3.26 10.48
CA GLY A 6 3.48 -3.83 9.46
C GLY A 6 3.10 -3.32 8.08
N TRP A 7 1.91 -2.73 8.02
CA TRP A 7 1.35 -2.20 6.80
C TRP A 7 1.68 -0.73 6.66
N GLU A 8 2.53 -0.38 5.71
CA GLU A 8 2.83 1.01 5.44
C GLU A 8 1.86 1.55 4.40
N VAL A 9 0.96 2.41 4.84
CA VAL A 9 -0.07 2.95 3.99
C VAL A 9 0.39 4.23 3.31
N ARG A 10 0.64 4.13 2.02
CA ARG A 10 1.06 5.26 1.23
C ARG A 10 -0.02 5.61 0.22
N SER A 11 -0.14 6.87 -0.15
CA SER A 11 -1.19 7.30 -1.07
C SER A 11 -0.60 8.17 -2.18
N THR A 12 -1.10 7.97 -3.40
CA THR A 12 -0.68 8.75 -4.55
C THR A 12 -1.76 9.79 -4.90
N VAL A 13 -1.32 10.92 -5.45
CA VAL A 13 -2.21 12.06 -5.76
C VAL A 13 -3.30 11.67 -6.77
N SER A 14 -3.11 10.54 -7.43
CA SER A 14 -4.09 10.00 -8.37
C SER A 14 -5.39 9.62 -7.64
N GLY A 15 -5.33 9.55 -6.32
CA GLY A 15 -6.46 9.10 -5.54
C GLY A 15 -6.43 7.60 -5.34
N ARG A 16 -5.21 7.08 -5.29
CA ARG A 16 -5.00 5.66 -5.09
C ARG A 16 -4.27 5.42 -3.78
N ILE A 17 -4.79 4.52 -2.97
CA ILE A 17 -4.07 4.05 -1.81
C ILE A 17 -3.25 2.86 -2.24
N TYR A 18 -2.04 2.71 -1.70
CA TYR A 18 -1.14 1.72 -2.22
C TYR A 18 -0.27 1.21 -1.11
N PHE A 19 -0.27 -0.08 -0.96
CA PHE A 19 0.40 -0.72 0.11
C PHE A 19 1.75 -1.22 -0.19
N VAL A 20 2.55 -1.19 0.84
CA VAL A 20 3.88 -1.73 0.83
C VAL A 20 4.16 -2.31 2.22
N ASP A 21 3.95 -3.61 2.32
CA ASP A 21 4.09 -4.32 3.59
C ASP A 21 5.49 -4.89 3.73
N HIS A 22 6.07 -4.73 4.93
CA HIS A 22 7.46 -5.12 5.20
C HIS A 22 7.61 -6.62 5.38
N ASN A 23 6.51 -7.31 5.65
CA ASN A 23 6.57 -8.75 5.89
C ASN A 23 6.81 -9.50 4.59
N ASN A 24 6.00 -9.19 3.59
CA ASN A 24 6.09 -9.85 2.30
C ASN A 24 6.90 -9.01 1.30
N ARG A 25 7.11 -7.74 1.64
CA ARG A 25 7.73 -6.76 0.73
C ARG A 25 6.85 -6.58 -0.49
N THR A 26 5.54 -6.63 -0.26
CA THR A 26 4.60 -6.69 -1.36
C THR A 26 3.78 -5.41 -1.49
N THR A 27 3.58 -4.98 -2.74
CA THR A 27 2.73 -3.84 -3.04
C THR A 27 1.32 -4.31 -3.38
N GLN A 28 0.33 -3.73 -2.73
CA GLN A 28 -1.07 -4.11 -2.93
C GLN A 28 -1.91 -2.88 -3.20
N PHE A 29 -2.87 -2.99 -4.11
CA PHE A 29 -3.82 -1.90 -4.37
C PHE A 29 -5.12 -2.17 -3.64
N THR A 30 -5.24 -3.38 -3.11
CA THR A 30 -6.44 -3.80 -2.40
C THR A 30 -6.34 -3.48 -0.91
N ASP A 31 -6.95 -2.37 -0.51
CA ASP A 31 -7.00 -1.97 0.89
C ASP A 31 -8.14 -2.68 1.60
N PRO A 32 -7.85 -3.33 2.74
CA PRO A 32 -8.83 -4.12 3.48
C PRO A 32 -9.78 -3.29 4.35
N ARG A 33 -9.44 -2.04 4.59
CA ARG A 33 -10.22 -1.21 5.50
C ARG A 33 -11.32 -0.45 4.76
N LEU A 34 -11.02 -0.04 3.53
CA LEU A 34 -11.96 0.71 2.72
C LEU A 34 -13.06 -0.21 2.18
N HIS A 35 -12.88 -1.51 2.34
CA HIS A 35 -13.85 -2.48 1.87
C HIS A 35 -14.66 -3.02 3.03
N GLU B 1 -4.99 -8.08 -8.08
CA GLU B 1 -5.49 -6.68 -8.08
C GLU B 1 -6.33 -6.41 -9.32
N LEU B 2 -5.84 -6.86 -10.48
CA LEU B 2 -6.52 -6.69 -11.77
C LEU B 2 -6.54 -5.21 -12.18
N GLU B 3 -5.80 -4.40 -11.45
CA GLU B 3 -5.73 -2.97 -11.70
C GLU B 3 -4.42 -2.62 -12.39
N SER B 4 -4.23 -1.34 -12.68
CA SER B 4 -2.98 -0.84 -13.23
C SER B 4 -1.85 -1.09 -12.22
N PRO B 5 -0.65 -1.46 -12.69
CA PRO B 5 0.48 -1.80 -11.82
C PRO B 5 0.76 -0.72 -10.77
N PRO B 6 0.67 -1.12 -9.48
CA PRO B 6 0.98 -0.25 -8.35
C PRO B 6 2.46 0.14 -8.27
N PRO B 7 2.79 1.15 -7.44
CA PRO B 7 4.16 1.66 -7.30
C PRO B 7 5.10 0.63 -6.65
N PRO B 8 6.32 0.47 -7.22
CA PRO B 8 7.33 -0.47 -6.70
C PRO B 8 7.61 -0.29 -5.21
N TYR B 9 7.94 -1.38 -4.52
CA TYR B 9 8.12 -1.35 -3.08
C TYR B 9 9.38 -0.58 -2.68
N SER B 10 9.18 0.66 -2.28
CA SER B 10 10.21 1.44 -1.62
C SER B 10 10.15 1.14 -0.13
N ARG B 11 11.30 0.87 0.49
CA ARG B 11 11.32 0.41 1.88
C ARG B 11 10.68 1.45 2.79
N TYR B 12 11.14 2.69 2.68
CA TYR B 12 10.54 3.79 3.40
C TYR B 12 10.02 4.82 2.40
N PRO B 13 8.74 4.71 2.04
CA PRO B 13 8.13 5.53 0.99
C PRO B 13 7.57 6.84 1.51
N MET B 14 7.72 7.07 2.81
CA MET B 14 7.27 8.31 3.41
C MET B 14 8.36 9.37 3.26
N ASP B 15 8.12 10.31 2.37
CA ASP B 15 9.09 11.36 2.09
C ASP B 15 8.50 12.71 2.51
N GLY A 1 -10.87 2.00 14.57
CA GLY A 1 -10.19 0.70 14.34
C GLY A 1 -8.69 0.86 14.26
N PRO A 2 -7.94 0.25 15.21
CA PRO A 2 -6.48 0.35 15.25
C PRO A 2 -5.81 -0.41 14.11
N LEU A 3 -5.03 0.32 13.33
CA LEU A 3 -4.29 -0.28 12.23
C LEU A 3 -2.93 -0.74 12.72
N PRO A 4 -2.60 -2.03 12.53
CA PRO A 4 -1.32 -2.61 12.95
C PRO A 4 -0.14 -1.87 12.30
N PRO A 5 0.93 -1.61 13.09
CA PRO A 5 2.11 -0.89 12.61
C PRO A 5 2.86 -1.63 11.50
N GLY A 6 2.43 -2.85 11.22
CA GLY A 6 2.99 -3.60 10.12
C GLY A 6 2.43 -3.13 8.79
N TRP A 7 1.31 -2.43 8.84
CA TRP A 7 0.68 -1.92 7.63
C TRP A 7 1.19 -0.51 7.32
N GLU A 8 2.15 -0.43 6.41
CA GLU A 8 2.74 0.83 6.04
C GLU A 8 1.96 1.44 4.89
N VAL A 9 1.18 2.46 5.23
CA VAL A 9 0.20 3.04 4.33
C VAL A 9 0.75 4.24 3.57
N ARG A 10 0.63 4.19 2.26
CA ARG A 10 1.04 5.28 1.40
C ARG A 10 -0.02 5.50 0.33
N SER A 11 -0.19 6.74 -0.10
CA SER A 11 -1.24 7.07 -1.05
C SER A 11 -0.67 7.85 -2.23
N THR A 12 -1.13 7.50 -3.42
CA THR A 12 -0.74 8.19 -4.64
C THR A 12 -1.73 9.30 -4.95
N VAL A 13 -1.24 10.37 -5.60
CA VAL A 13 -2.07 11.54 -5.91
C VAL A 13 -3.24 11.19 -6.83
N SER A 14 -3.14 10.04 -7.47
CA SER A 14 -4.23 9.52 -8.30
C SER A 14 -5.48 9.26 -7.46
N GLY A 15 -5.31 9.24 -6.15
CA GLY A 15 -6.40 8.93 -5.25
C GLY A 15 -6.46 7.45 -4.98
N ARG A 16 -5.30 6.82 -5.05
CA ARG A 16 -5.21 5.38 -4.81
C ARG A 16 -4.36 5.12 -3.59
N ILE A 17 -4.82 4.25 -2.73
CA ILE A 17 -4.04 3.82 -1.58
C ILE A 17 -3.23 2.60 -2.01
N TYR A 18 -2.05 2.44 -1.46
CA TYR A 18 -1.17 1.38 -1.90
C TYR A 18 -0.33 0.93 -0.74
N PHE A 19 -0.35 -0.35 -0.53
CA PHE A 19 0.27 -0.94 0.61
C PHE A 19 1.64 -1.46 0.36
N VAL A 20 2.45 -1.29 1.37
CA VAL A 20 3.74 -1.89 1.44
C VAL A 20 3.93 -2.46 2.84
N ASP A 21 4.12 -3.75 2.90
CA ASP A 21 4.34 -4.44 4.15
C ASP A 21 5.72 -5.07 4.14
N HIS A 22 6.43 -4.93 5.27
CA HIS A 22 7.83 -5.34 5.36
C HIS A 22 7.97 -6.85 5.57
N ASN A 23 6.90 -7.51 5.99
CA ASN A 23 6.95 -8.94 6.25
C ASN A 23 7.06 -9.71 4.93
N ASN A 24 6.15 -9.41 4.01
CA ASN A 24 6.16 -10.04 2.70
C ASN A 24 6.88 -9.17 1.66
N ARG A 25 7.09 -7.90 2.01
CA ARG A 25 7.71 -6.92 1.10
C ARG A 25 6.85 -6.78 -0.16
N THR A 26 5.55 -6.69 0.05
CA THR A 26 4.61 -6.74 -1.06
C THR A 26 3.78 -5.45 -1.17
N THR A 27 3.49 -5.08 -2.42
CA THR A 27 2.69 -3.90 -2.71
C THR A 27 1.28 -4.29 -3.17
N GLN A 28 0.25 -3.71 -2.55
CA GLN A 28 -1.14 -4.04 -2.87
C GLN A 28 -1.95 -2.76 -3.14
N PHE A 29 -2.78 -2.75 -4.18
CA PHE A 29 -3.77 -1.70 -4.32
C PHE A 29 -5.03 -2.06 -3.54
N THR A 30 -5.06 -3.30 -3.06
CA THR A 30 -6.19 -3.82 -2.31
C THR A 30 -6.09 -3.46 -0.83
N ASP A 31 -7.02 -2.63 -0.36
CA ASP A 31 -7.09 -2.28 1.06
C ASP A 31 -8.17 -3.13 1.75
N PRO A 32 -7.86 -3.67 2.95
CA PRO A 32 -8.76 -4.59 3.68
C PRO A 32 -10.11 -3.99 4.07
N ARG A 33 -10.25 -2.67 4.02
CA ARG A 33 -11.51 -2.04 4.40
C ARG A 33 -12.46 -1.99 3.20
N LEU A 34 -11.91 -2.23 2.02
CA LEU A 34 -12.69 -2.24 0.80
C LEU A 34 -13.14 -3.67 0.50
N HIS A 35 -12.37 -4.62 1.02
CA HIS A 35 -12.68 -6.04 0.83
C HIS A 35 -12.90 -6.70 2.18
N GLU B 1 -6.31 -5.66 -10.70
CA GLU B 1 -7.17 -4.75 -9.91
C GLU B 1 -7.75 -3.66 -10.81
N LEU B 2 -7.51 -3.80 -12.12
CA LEU B 2 -7.97 -2.84 -13.13
C LEU B 2 -7.26 -1.50 -12.99
N GLU B 3 -6.23 -1.48 -12.16
CA GLU B 3 -5.45 -0.27 -11.95
C GLU B 3 -4.08 -0.41 -12.60
N SER B 4 -3.45 0.74 -12.82
CA SER B 4 -2.09 0.79 -13.33
C SER B 4 -1.15 0.03 -12.39
N PRO B 5 -0.02 -0.48 -12.91
CA PRO B 5 0.94 -1.27 -12.12
C PRO B 5 1.29 -0.61 -10.78
N PRO B 6 1.00 -1.29 -9.67
CA PRO B 6 1.32 -0.79 -8.33
C PRO B 6 2.77 -0.35 -8.18
N PRO B 7 3.01 0.64 -7.31
CA PRO B 7 4.34 1.25 -7.13
C PRO B 7 5.37 0.25 -6.60
N PRO B 8 6.58 0.26 -7.18
CA PRO B 8 7.69 -0.59 -6.74
C PRO B 8 7.99 -0.38 -5.26
N TYR B 9 8.18 -1.47 -4.52
CA TYR B 9 8.35 -1.38 -3.08
C TYR B 9 9.67 -0.73 -2.70
N SER B 10 9.59 0.52 -2.27
CA SER B 10 10.67 1.15 -1.55
C SER B 10 10.39 0.97 -0.06
N ARG B 11 11.34 0.39 0.66
CA ARG B 11 11.08 -0.05 2.04
C ARG B 11 10.67 1.11 2.93
N TYR B 12 11.21 2.28 2.64
CA TYR B 12 10.79 3.49 3.32
C TYR B 12 10.27 4.47 2.28
N PRO B 13 8.94 4.53 2.11
CA PRO B 13 8.32 5.22 1.02
C PRO B 13 8.03 6.68 1.33
N MET B 14 8.88 7.56 0.82
CA MET B 14 8.64 8.99 0.92
C MET B 14 8.80 9.61 -0.46
N ASP B 15 7.69 9.73 -1.16
CA ASP B 15 7.69 10.19 -2.55
C ASP B 15 6.69 11.29 -2.71
N GLY A 1 -3.44 0.35 16.31
CA GLY A 1 -4.81 0.77 16.66
C GLY A 1 -5.82 0.28 15.64
N PRO A 2 -6.64 1.18 15.07
CA PRO A 2 -7.59 0.83 14.01
C PRO A 2 -6.89 0.48 12.70
N LEU A 3 -5.57 0.64 12.72
CA LEU A 3 -4.73 0.26 11.59
C LEU A 3 -3.54 -0.55 12.14
N PRO A 4 -3.39 -1.81 11.69
CA PRO A 4 -2.30 -2.68 12.13
C PRO A 4 -0.92 -2.06 11.89
N PRO A 5 -0.05 -2.10 12.91
CA PRO A 5 1.29 -1.48 12.84
C PRO A 5 2.24 -2.18 11.88
N GLY A 6 1.76 -3.23 11.22
CA GLY A 6 2.52 -3.89 10.20
C GLY A 6 2.22 -3.34 8.82
N TRP A 7 1.11 -2.61 8.74
CA TRP A 7 0.64 -2.06 7.47
C TRP A 7 1.13 -0.62 7.28
N GLU A 8 2.04 -0.42 6.33
CA GLU A 8 2.55 0.90 6.03
C GLU A 8 1.67 1.54 4.96
N VAL A 9 0.96 2.60 5.34
CA VAL A 9 -0.06 3.18 4.49
C VAL A 9 0.42 4.44 3.78
N ARG A 10 0.48 4.38 2.46
CA ARG A 10 0.94 5.50 1.64
C ARG A 10 -0.03 5.75 0.49
N SER A 11 -0.16 7.00 0.07
CA SER A 11 -1.10 7.36 -0.98
C SER A 11 -0.41 8.03 -2.16
N THR A 12 -0.96 7.84 -3.36
CA THR A 12 -0.44 8.46 -4.57
C THR A 12 -1.33 9.62 -5.02
N VAL A 13 -0.71 10.61 -5.65
CA VAL A 13 -1.44 11.79 -6.16
C VAL A 13 -2.47 11.39 -7.22
N SER A 14 -2.33 10.18 -7.74
CA SER A 14 -3.27 9.62 -8.71
C SER A 14 -4.67 9.46 -8.10
N GLY A 15 -4.73 9.55 -6.78
CA GLY A 15 -5.98 9.32 -6.09
C GLY A 15 -6.14 7.87 -5.73
N ARG A 16 -5.02 7.23 -5.38
CA ARG A 16 -5.02 5.82 -5.05
C ARG A 16 -4.25 5.57 -3.77
N ILE A 17 -4.79 4.72 -2.92
CA ILE A 17 -4.10 4.27 -1.73
C ILE A 17 -3.30 3.03 -2.10
N TYR A 18 -2.14 2.85 -1.50
CA TYR A 18 -1.26 1.78 -1.91
C TYR A 18 -0.47 1.28 -0.73
N PHE A 19 -0.41 -0.01 -0.62
CA PHE A 19 0.21 -0.63 0.50
C PHE A 19 1.57 -1.18 0.22
N VAL A 20 2.35 -1.13 1.27
CA VAL A 20 3.65 -1.75 1.29
C VAL A 20 3.83 -2.40 2.66
N ASP A 21 4.02 -3.71 2.64
CA ASP A 21 4.22 -4.45 3.86
C ASP A 21 5.67 -4.93 3.89
N HIS A 22 6.28 -4.84 5.07
CA HIS A 22 7.70 -5.07 5.21
C HIS A 22 8.05 -6.55 5.36
N ASN A 23 7.07 -7.38 5.66
CA ASN A 23 7.35 -8.78 5.92
C ASN A 23 7.28 -9.60 4.65
N ASN A 24 6.28 -9.32 3.83
CA ASN A 24 6.14 -9.98 2.54
C ASN A 24 6.80 -9.16 1.43
N ARG A 25 7.08 -7.89 1.75
CA ARG A 25 7.65 -6.94 0.79
C ARG A 25 6.68 -6.74 -0.37
N THR A 26 5.41 -6.68 -0.04
CA THR A 26 4.36 -6.72 -1.05
C THR A 26 3.64 -5.38 -1.20
N THR A 27 3.31 -5.04 -2.43
CA THR A 27 2.54 -3.84 -2.74
C THR A 27 1.10 -4.21 -3.11
N GLN A 28 0.14 -3.66 -2.39
CA GLN A 28 -1.27 -3.96 -2.63
C GLN A 28 -2.06 -2.68 -2.93
N PHE A 29 -2.84 -2.70 -4.00
CA PHE A 29 -3.80 -1.63 -4.25
C PHE A 29 -5.09 -1.92 -3.50
N THR A 30 -5.17 -3.14 -2.98
CA THR A 30 -6.29 -3.58 -2.18
C THR A 30 -6.17 -3.12 -0.73
N ASP A 31 -7.10 -2.29 -0.31
CA ASP A 31 -7.24 -1.94 1.10
C ASP A 31 -8.30 -2.84 1.72
N PRO A 32 -8.04 -3.38 2.92
CA PRO A 32 -8.90 -4.35 3.58
C PRO A 32 -10.32 -3.85 3.87
N ARG A 33 -10.55 -2.54 3.78
CA ARG A 33 -11.89 -1.99 4.00
C ARG A 33 -12.81 -2.30 2.82
N LEU A 34 -12.21 -2.67 1.69
CA LEU A 34 -12.99 -2.99 0.50
C LEU A 34 -12.94 -4.49 0.20
N HIS A 35 -11.83 -5.12 0.55
CA HIS A 35 -11.68 -6.56 0.38
C HIS A 35 -11.43 -7.24 1.71
N GLU B 1 -6.15 -6.63 -9.47
CA GLU B 1 -6.46 -5.26 -9.01
C GLU B 1 -7.15 -4.43 -10.10
N LEU B 2 -6.98 -4.82 -11.37
CA LEU B 2 -7.53 -4.08 -12.51
C LEU B 2 -6.95 -2.66 -12.59
N GLU B 3 -5.88 -2.43 -11.86
CA GLU B 3 -5.27 -1.11 -11.79
C GLU B 3 -3.95 -1.08 -12.53
N SER B 4 -3.54 0.12 -12.93
CA SER B 4 -2.21 0.35 -13.45
C SER B 4 -1.19 -0.12 -12.42
N PRO B 5 -0.02 -0.61 -12.87
CA PRO B 5 0.96 -1.26 -11.99
C PRO B 5 1.26 -0.47 -10.73
N PRO B 6 0.99 -1.07 -9.55
CA PRO B 6 1.24 -0.44 -8.27
C PRO B 6 2.72 -0.16 -8.03
N PRO B 7 3.00 0.85 -7.18
CA PRO B 7 4.36 1.31 -6.91
C PRO B 7 5.24 0.21 -6.34
N PRO B 8 6.33 -0.13 -7.03
CA PRO B 8 7.28 -1.16 -6.57
C PRO B 8 7.74 -0.90 -5.14
N TYR B 9 7.73 -1.94 -4.32
CA TYR B 9 8.07 -1.81 -2.92
C TYR B 9 9.49 -1.31 -2.71
N SER B 10 9.61 -0.01 -2.51
CA SER B 10 10.82 0.58 -2.01
C SER B 10 10.75 0.50 -0.50
N ARG B 11 11.89 0.38 0.18
CA ARG B 11 11.88 0.05 1.60
C ARG B 11 11.10 1.07 2.42
N TYR B 12 11.48 2.34 2.30
CA TYR B 12 10.76 3.40 3.00
C TYR B 12 10.18 4.40 2.00
N PRO B 13 8.87 4.31 1.75
CA PRO B 13 8.19 5.16 0.78
C PRO B 13 7.74 6.49 1.39
N MET B 14 8.06 7.57 0.70
CA MET B 14 7.73 8.91 1.19
C MET B 14 6.71 9.59 0.29
N ASP B 15 5.64 10.07 0.87
CA ASP B 15 4.60 10.77 0.12
C ASP B 15 4.85 12.28 0.18
N GLY A 1 -11.29 -3.49 13.80
CA GLY A 1 -9.98 -3.21 14.44
C GLY A 1 -9.35 -1.95 13.90
N PRO A 2 -8.15 -1.58 14.40
CA PRO A 2 -7.41 -0.41 13.94
C PRO A 2 -6.52 -0.74 12.75
N LEU A 3 -5.31 -0.20 12.75
CA LEU A 3 -4.34 -0.48 11.69
C LEU A 3 -3.02 -0.93 12.31
N PRO A 4 -2.57 -2.16 12.00
CA PRO A 4 -1.31 -2.71 12.52
C PRO A 4 -0.11 -1.85 12.10
N PRO A 5 0.84 -1.59 13.02
CA PRO A 5 2.05 -0.81 12.72
C PRO A 5 2.94 -1.45 11.64
N GLY A 6 2.59 -2.65 11.23
CA GLY A 6 3.32 -3.32 10.16
C GLY A 6 2.80 -2.91 8.80
N TRP A 7 1.62 -2.31 8.78
CA TRP A 7 1.01 -1.87 7.54
C TRP A 7 1.42 -0.44 7.20
N GLU A 8 2.29 -0.30 6.22
CA GLU A 8 2.72 1.03 5.81
C GLU A 8 1.78 1.53 4.73
N VAL A 9 0.88 2.43 5.12
CA VAL A 9 -0.17 2.89 4.24
C VAL A 9 0.24 4.16 3.50
N ARG A 10 0.34 4.05 2.19
CA ARG A 10 0.76 5.17 1.35
C ARG A 10 -0.22 5.36 0.21
N SER A 11 -0.37 6.60 -0.24
CA SER A 11 -1.33 6.94 -1.27
C SER A 11 -0.65 7.61 -2.47
N THR A 12 -1.07 7.25 -3.68
CA THR A 12 -0.61 7.94 -4.86
C THR A 12 -1.58 9.05 -5.22
N VAL A 13 -1.06 10.15 -5.78
CA VAL A 13 -1.87 11.34 -6.03
C VAL A 13 -3.01 11.05 -7.01
N SER A 14 -2.87 9.96 -7.76
CA SER A 14 -3.91 9.49 -8.66
C SER A 14 -5.21 9.16 -7.91
N GLY A 15 -5.11 9.05 -6.59
CA GLY A 15 -6.23 8.67 -5.79
C GLY A 15 -6.29 7.16 -5.62
N ARG A 16 -5.11 6.54 -5.62
CA ARG A 16 -5.02 5.10 -5.41
C ARG A 16 -4.28 4.83 -4.10
N ILE A 17 -4.84 3.93 -3.31
CA ILE A 17 -4.18 3.52 -2.09
C ILE A 17 -3.30 2.33 -2.42
N TYR A 18 -2.15 2.24 -1.77
CA TYR A 18 -1.20 1.21 -2.13
C TYR A 18 -0.40 0.82 -0.91
N PHE A 19 -0.32 -0.45 -0.70
CA PHE A 19 0.33 -0.98 0.45
C PHE A 19 1.70 -1.47 0.20
N VAL A 20 2.52 -1.24 1.20
CA VAL A 20 3.82 -1.85 1.28
C VAL A 20 3.98 -2.39 2.69
N ASP A 21 3.92 -3.70 2.78
CA ASP A 21 4.13 -4.40 4.03
C ASP A 21 5.55 -4.92 4.07
N HIS A 22 6.22 -4.67 5.19
CA HIS A 22 7.66 -4.95 5.33
C HIS A 22 7.94 -6.43 5.54
N ASN A 23 6.92 -7.19 5.90
CA ASN A 23 7.09 -8.60 6.21
C ASN A 23 7.20 -9.43 4.93
N ASN A 24 6.24 -9.26 4.05
CA ASN A 24 6.27 -9.94 2.76
C ASN A 24 6.94 -9.06 1.71
N ARG A 25 7.11 -7.77 2.03
CA ARG A 25 7.72 -6.80 1.13
C ARG A 25 6.88 -6.66 -0.14
N THR A 26 5.56 -6.71 0.05
CA THR A 26 4.65 -6.82 -1.08
C THR A 26 3.76 -5.59 -1.23
N THR A 27 3.55 -5.16 -2.47
CA THR A 27 2.70 -4.03 -2.78
C THR A 27 1.30 -4.49 -3.17
N GLN A 28 0.29 -3.87 -2.57
CA GLN A 28 -1.11 -4.21 -2.84
C GLN A 28 -1.92 -2.97 -3.16
N PHE A 29 -2.67 -2.97 -4.26
CA PHE A 29 -3.59 -1.87 -4.55
C PHE A 29 -4.91 -2.06 -3.81
N THR A 30 -5.09 -3.22 -3.22
CA THR A 30 -6.30 -3.51 -2.46
C THR A 30 -6.13 -3.11 -0.99
N ASP A 31 -7.13 -2.42 -0.46
CA ASP A 31 -7.12 -1.99 0.93
C ASP A 31 -8.24 -2.67 1.70
N PRO A 32 -7.89 -3.48 2.71
CA PRO A 32 -8.87 -4.19 3.55
C PRO A 32 -9.48 -3.29 4.63
N ARG A 33 -8.85 -2.15 4.85
CA ARG A 33 -9.26 -1.22 5.89
C ARG A 33 -10.61 -0.57 5.58
N LEU A 34 -10.74 -0.03 4.37
CA LEU A 34 -11.94 0.70 3.98
C LEU A 34 -13.01 -0.24 3.43
N HIS A 35 -12.64 -1.49 3.19
CA HIS A 35 -13.57 -2.45 2.62
C HIS A 35 -14.23 -3.27 3.71
N GLU B 1 -9.39 -5.24 -10.31
CA GLU B 1 -8.16 -4.42 -10.37
C GLU B 1 -8.10 -3.64 -11.69
N LEU B 2 -7.56 -4.25 -12.74
CA LEU B 2 -7.38 -3.58 -14.04
C LEU B 2 -6.46 -2.37 -13.87
N GLU B 3 -5.61 -2.43 -12.86
CA GLU B 3 -4.77 -1.31 -12.49
C GLU B 3 -3.42 -1.35 -13.18
N SER B 4 -2.89 -0.17 -13.44
CA SER B 4 -1.50 -0.02 -13.86
C SER B 4 -0.58 -0.59 -12.78
N PRO B 5 0.61 -1.10 -13.16
CA PRO B 5 1.53 -1.75 -12.22
C PRO B 5 1.74 -0.93 -10.94
N PRO B 6 1.39 -1.53 -9.79
CA PRO B 6 1.61 -0.93 -8.47
C PRO B 6 3.06 -0.49 -8.25
N PRO B 7 3.28 0.48 -7.35
CA PRO B 7 4.61 1.03 -7.07
C PRO B 7 5.52 -0.02 -6.45
N PRO B 8 6.68 -0.28 -7.08
CA PRO B 8 7.67 -1.25 -6.57
C PRO B 8 8.03 -0.96 -5.12
N TYR B 9 8.09 -2.02 -4.31
CA TYR B 9 8.33 -1.85 -2.88
C TYR B 9 9.69 -1.24 -2.59
N SER B 10 9.69 0.08 -2.41
CA SER B 10 10.80 0.78 -1.82
C SER B 10 10.65 0.67 -0.31
N ARG B 11 11.75 0.67 0.43
CA ARG B 11 11.68 0.36 1.86
C ARG B 11 10.78 1.36 2.58
N TYR B 12 11.12 2.63 2.52
CA TYR B 12 10.29 3.66 3.11
C TYR B 12 9.82 4.65 2.06
N PRO B 13 8.52 4.65 1.77
CA PRO B 13 7.93 5.55 0.79
C PRO B 13 7.41 6.84 1.43
N MET B 14 8.02 7.96 1.10
CA MET B 14 7.61 9.24 1.63
C MET B 14 6.94 10.10 0.56
N ASP B 15 5.63 10.25 0.69
CA ASP B 15 4.86 11.10 -0.20
C ASP B 15 3.48 11.31 0.37
N GLY A 1 -10.82 -3.21 12.37
CA GLY A 1 -9.56 -3.48 13.09
C GLY A 1 -8.53 -2.39 12.88
N PRO A 2 -7.56 -2.24 13.80
CA PRO A 2 -6.49 -1.26 13.69
C PRO A 2 -5.40 -1.70 12.71
N LEU A 3 -4.76 -0.72 12.08
CA LEU A 3 -3.69 -0.99 11.12
C LEU A 3 -2.41 -1.35 11.86
N PRO A 4 -1.89 -2.57 11.64
CA PRO A 4 -0.64 -3.05 12.26
C PRO A 4 0.58 -2.29 11.74
N PRO A 5 1.60 -2.12 12.60
CA PRO A 5 2.82 -1.37 12.25
C PRO A 5 3.63 -2.01 11.11
N GLY A 6 3.24 -3.22 10.72
CA GLY A 6 3.86 -3.87 9.58
C GLY A 6 3.34 -3.29 8.28
N TRP A 7 2.18 -2.65 8.37
CA TRP A 7 1.53 -2.05 7.22
C TRP A 7 1.99 -0.62 7.04
N GLU A 8 2.80 -0.37 6.01
CA GLU A 8 3.27 0.96 5.74
C GLU A 8 2.36 1.60 4.69
N VAL A 9 1.53 2.54 5.14
CA VAL A 9 0.48 3.10 4.30
C VAL A 9 0.95 4.33 3.52
N ARG A 10 0.67 4.32 2.21
CA ARG A 10 1.04 5.41 1.32
C ARG A 10 -0.02 5.58 0.23
N SER A 11 -0.21 6.79 -0.27
CA SER A 11 -1.28 7.06 -1.22
C SER A 11 -0.77 7.86 -2.43
N THR A 12 -1.21 7.46 -3.62
CA THR A 12 -0.79 8.09 -4.87
C THR A 12 -1.73 9.24 -5.25
N VAL A 13 -1.19 10.24 -5.94
CA VAL A 13 -1.94 11.42 -6.33
C VAL A 13 -3.08 11.08 -7.30
N SER A 14 -2.98 9.91 -7.94
CA SER A 14 -4.03 9.40 -8.80
C SER A 14 -5.34 9.18 -8.02
N GLY A 15 -5.24 9.19 -6.70
CA GLY A 15 -6.39 8.94 -5.85
C GLY A 15 -6.53 7.46 -5.55
N ARG A 16 -5.38 6.83 -5.33
CA ARG A 16 -5.33 5.42 -5.01
C ARG A 16 -4.51 5.20 -3.75
N ILE A 17 -4.91 4.23 -2.96
CA ILE A 17 -4.14 3.82 -1.82
C ILE A 17 -3.17 2.73 -2.27
N TYR A 18 -2.00 2.65 -1.66
CA TYR A 18 -1.03 1.68 -2.10
C TYR A 18 -0.17 1.24 -0.93
N PHE A 19 -0.10 -0.04 -0.78
CA PHE A 19 0.61 -0.61 0.31
C PHE A 19 1.95 -1.14 -0.04
N VAL A 20 2.79 -1.04 0.96
CA VAL A 20 4.07 -1.67 0.96
C VAL A 20 4.26 -2.28 2.35
N ASP A 21 4.01 -3.57 2.40
CA ASP A 21 4.02 -4.31 3.66
C ASP A 21 5.40 -4.85 3.96
N HIS A 22 5.83 -4.68 5.21
CA HIS A 22 7.18 -5.05 5.64
C HIS A 22 7.30 -6.55 5.91
N ASN A 23 6.17 -7.23 6.06
CA ASN A 23 6.19 -8.66 6.41
C ASN A 23 6.57 -9.50 5.21
N ASN A 24 5.73 -9.48 4.19
CA ASN A 24 5.97 -10.27 2.98
C ASN A 24 6.73 -9.45 1.96
N ARG A 25 6.77 -8.13 2.18
CA ARG A 25 7.34 -7.18 1.23
C ARG A 25 6.49 -7.18 -0.03
N THR A 26 5.25 -6.74 0.13
CA THR A 26 4.26 -6.83 -0.95
C THR A 26 3.55 -5.50 -1.16
N THR A 27 3.33 -5.16 -2.43
CA THR A 27 2.59 -3.95 -2.79
C THR A 27 1.13 -4.30 -3.15
N GLN A 28 0.20 -3.76 -2.38
CA GLN A 28 -1.22 -3.99 -2.61
C GLN A 28 -1.91 -2.68 -2.97
N PHE A 29 -2.64 -2.65 -4.08
CA PHE A 29 -3.35 -1.43 -4.49
C PHE A 29 -4.68 -1.29 -3.75
N THR A 30 -5.07 -2.32 -3.03
CA THR A 30 -6.32 -2.29 -2.28
C THR A 30 -6.05 -2.13 -0.78
N ASP A 31 -6.94 -1.42 -0.11
CA ASP A 31 -6.84 -1.17 1.33
C ASP A 31 -7.97 -1.89 2.07
N PRO A 32 -7.67 -2.53 3.21
CA PRO A 32 -8.64 -3.32 3.96
C PRO A 32 -9.79 -2.50 4.55
N ARG A 33 -9.65 -1.18 4.60
CA ARG A 33 -10.69 -0.33 5.19
C ARG A 33 -11.76 0.02 4.17
N LEU A 34 -11.49 -0.31 2.90
CA LEU A 34 -12.39 0.05 1.82
C LEU A 34 -13.66 -0.80 1.83
N HIS A 35 -13.69 -1.83 2.66
CA HIS A 35 -14.87 -2.68 2.78
C HIS A 35 -15.96 -1.94 3.55
N GLU B 1 -6.26 -7.32 -9.16
CA GLU B 1 -6.43 -5.85 -9.00
C GLU B 1 -6.87 -5.21 -10.32
N LEU B 2 -6.32 -5.71 -11.44
CA LEU B 2 -6.67 -5.22 -12.78
C LEU B 2 -6.24 -3.75 -12.97
N GLU B 3 -5.46 -3.24 -12.02
CA GLU B 3 -5.00 -1.87 -12.04
C GLU B 3 -3.71 -1.73 -12.82
N SER B 4 -3.49 -0.52 -13.34
CA SER B 4 -2.21 -0.16 -13.93
C SER B 4 -1.11 -0.39 -12.89
N PRO B 5 0.13 -0.71 -13.35
CA PRO B 5 1.20 -1.16 -12.47
C PRO B 5 1.41 -0.29 -11.24
N PRO B 6 1.25 -0.89 -10.05
CA PRO B 6 1.46 -0.22 -8.76
C PRO B 6 2.93 0.10 -8.48
N PRO B 7 3.17 0.99 -7.50
CA PRO B 7 4.51 1.44 -7.11
C PRO B 7 5.30 0.33 -6.40
N PRO B 8 6.54 0.07 -6.85
CA PRO B 8 7.41 -0.98 -6.26
C PRO B 8 7.64 -0.76 -4.77
N TYR B 9 7.83 -1.86 -4.04
CA TYR B 9 8.04 -1.79 -2.59
C TYR B 9 9.28 -0.97 -2.25
N SER B 10 9.04 0.26 -1.82
CA SER B 10 10.06 1.08 -1.23
C SER B 10 9.97 0.92 0.28
N ARG B 11 11.09 0.64 0.94
CA ARG B 11 11.06 0.21 2.33
C ARG B 11 10.42 1.27 3.22
N TYR B 12 10.95 2.49 3.17
CA TYR B 12 10.37 3.59 3.92
C TYR B 12 9.93 4.68 2.95
N PRO B 13 8.72 4.54 2.40
CA PRO B 13 8.23 5.41 1.35
C PRO B 13 7.66 6.72 1.89
N MET B 14 7.99 7.81 1.21
CA MET B 14 7.46 9.12 1.55
C MET B 14 6.86 9.76 0.31
N ASP B 15 5.60 10.19 0.41
CA ASP B 15 4.94 10.84 -0.71
C ASP B 15 5.47 12.25 -0.87
N GLY A 1 -4.79 0.78 17.63
CA GLY A 1 -4.83 1.67 16.44
C GLY A 1 -5.71 1.11 15.35
N PRO A 2 -6.15 1.93 14.39
CA PRO A 2 -6.99 1.50 13.28
C PRO A 2 -6.20 0.79 12.18
N LEU A 3 -4.88 0.70 12.36
CA LEU A 3 -4.01 0.09 11.38
C LEU A 3 -2.78 -0.50 12.06
N PRO A 4 -2.49 -1.79 11.83
CA PRO A 4 -1.29 -2.46 12.36
C PRO A 4 0.00 -1.76 11.91
N PRO A 5 0.99 -1.54 12.82
CA PRO A 5 2.25 -0.86 12.49
C PRO A 5 3.07 -1.55 11.40
N GLY A 6 2.63 -2.73 10.98
CA GLY A 6 3.32 -3.44 9.92
C GLY A 6 2.86 -2.97 8.54
N TRP A 7 1.75 -2.26 8.52
CA TRP A 7 1.15 -1.79 7.28
C TRP A 7 1.53 -0.35 7.00
N GLU A 8 2.35 -0.12 5.98
CA GLU A 8 2.67 1.23 5.56
C GLU A 8 1.66 1.68 4.53
N VAL A 9 0.78 2.59 4.93
CA VAL A 9 -0.28 3.04 4.05
C VAL A 9 0.15 4.30 3.28
N ARG A 10 -0.05 4.26 1.98
CA ARG A 10 0.32 5.36 1.10
C ARG A 10 -0.66 5.48 -0.06
N SER A 11 -0.87 6.69 -0.57
CA SER A 11 -1.83 6.92 -1.64
C SER A 11 -1.18 7.63 -2.83
N THR A 12 -1.57 7.23 -4.03
CA THR A 12 -1.08 7.85 -5.26
C THR A 12 -2.00 9.00 -5.67
N VAL A 13 -1.41 10.00 -6.34
CA VAL A 13 -2.15 11.16 -6.80
C VAL A 13 -3.23 10.75 -7.81
N SER A 14 -3.12 9.53 -8.33
CA SER A 14 -4.12 8.96 -9.22
C SER A 14 -5.44 8.76 -8.49
N GLY A 15 -5.41 8.83 -7.17
CA GLY A 15 -6.58 8.59 -6.37
C GLY A 15 -6.72 7.13 -6.00
N ARG A 16 -5.59 6.50 -5.73
CA ARG A 16 -5.57 5.08 -5.38
C ARG A 16 -4.77 4.85 -4.11
N ILE A 17 -5.23 3.94 -3.28
CA ILE A 17 -4.50 3.56 -2.09
C ILE A 17 -3.57 2.41 -2.46
N TYR A 18 -2.41 2.35 -1.83
CA TYR A 18 -1.42 1.35 -2.20
C TYR A 18 -0.60 0.98 -1.00
N PHE A 19 -0.52 -0.29 -0.77
CA PHE A 19 0.17 -0.82 0.37
C PHE A 19 1.52 -1.36 0.07
N VAL A 20 2.35 -1.26 1.07
CA VAL A 20 3.65 -1.88 1.07
C VAL A 20 3.89 -2.52 2.44
N ASP A 21 3.95 -3.84 2.45
CA ASP A 21 4.12 -4.58 3.69
C ASP A 21 5.55 -5.08 3.79
N HIS A 22 6.08 -5.11 5.02
CA HIS A 22 7.48 -5.47 5.26
C HIS A 22 7.69 -6.98 5.33
N ASN A 23 6.62 -7.73 5.51
CA ASN A 23 6.73 -9.18 5.69
C ASN A 23 6.93 -9.88 4.36
N ASN A 24 6.00 -9.65 3.46
CA ASN A 24 6.08 -10.21 2.12
C ASN A 24 6.81 -9.24 1.19
N ARG A 25 6.95 -8.00 1.65
CA ARG A 25 7.54 -6.93 0.84
C ARG A 25 6.77 -6.78 -0.44
N THR A 26 5.48 -6.52 -0.30
CA THR A 26 4.56 -6.55 -1.42
C THR A 26 3.71 -5.30 -1.51
N THR A 27 3.35 -4.91 -2.74
CA THR A 27 2.49 -3.76 -2.97
C THR A 27 1.06 -4.21 -3.27
N GLN A 28 0.11 -3.71 -2.49
CA GLN A 28 -1.29 -4.08 -2.65
C GLN A 28 -2.15 -2.87 -3.02
N PHE A 29 -2.78 -2.89 -4.18
CA PHE A 29 -3.66 -1.79 -4.58
C PHE A 29 -5.01 -1.87 -3.85
N THR A 30 -5.24 -2.99 -3.17
CA THR A 30 -6.48 -3.20 -2.47
C THR A 30 -6.32 -3.03 -0.96
N ASP A 31 -7.07 -2.09 -0.39
CA ASP A 31 -7.10 -1.87 1.06
C ASP A 31 -8.06 -2.88 1.70
N PRO A 32 -7.63 -3.56 2.77
CA PRO A 32 -8.39 -4.64 3.40
C PRO A 32 -9.64 -4.17 4.13
N ARG A 33 -9.72 -2.88 4.38
CA ARG A 33 -10.85 -2.31 5.11
C ARG A 33 -11.99 -1.96 4.16
N LEU A 34 -11.68 -1.83 2.88
CA LEU A 34 -12.68 -1.48 1.89
C LEU A 34 -13.52 -2.68 1.48
N HIS A 35 -13.08 -3.88 1.87
CA HIS A 35 -13.86 -5.07 1.62
C HIS A 35 -14.24 -5.77 2.93
N GLU B 1 -6.33 -7.41 -10.78
CA GLU B 1 -6.30 -6.05 -10.23
C GLU B 1 -7.03 -5.06 -11.15
N LEU B 2 -6.95 -5.34 -12.46
CA LEU B 2 -7.53 -4.49 -13.51
C LEU B 2 -7.10 -3.02 -13.37
N GLU B 3 -6.00 -2.81 -12.65
CA GLU B 3 -5.47 -1.48 -12.44
C GLU B 3 -4.21 -1.26 -13.26
N SER B 4 -3.65 -0.06 -13.13
CA SER B 4 -2.36 0.26 -13.70
C SER B 4 -1.28 -0.36 -12.79
N PRO B 5 -0.05 -0.54 -13.30
CA PRO B 5 1.01 -1.16 -12.52
C PRO B 5 1.28 -0.42 -11.20
N PRO B 6 1.11 -1.13 -10.07
CA PRO B 6 1.35 -0.56 -8.75
C PRO B 6 2.80 -0.13 -8.54
N PRO B 7 3.04 0.77 -7.56
CA PRO B 7 4.36 1.34 -7.27
C PRO B 7 5.33 0.30 -6.71
N PRO B 8 6.61 0.36 -7.11
CA PRO B 8 7.66 -0.51 -6.58
C PRO B 8 7.80 -0.33 -5.07
N TYR B 9 8.09 -1.41 -4.36
CA TYR B 9 8.16 -1.36 -2.91
C TYR B 9 9.40 -0.64 -2.43
N SER B 10 9.23 0.63 -2.09
CA SER B 10 10.23 1.39 -1.37
C SER B 10 10.09 1.06 0.10
N ARG B 11 11.22 0.90 0.80
CA ARG B 11 11.20 0.33 2.15
C ARG B 11 10.33 1.16 3.09
N TYR B 12 10.67 2.43 3.22
CA TYR B 12 9.88 3.35 4.04
C TYR B 12 9.39 4.49 3.16
N PRO B 13 8.08 4.51 2.83
CA PRO B 13 7.51 5.51 1.94
C PRO B 13 7.12 6.79 2.68
N MET B 14 7.70 6.97 3.85
CA MET B 14 7.43 8.16 4.65
C MET B 14 8.57 9.16 4.50
N ASP B 15 8.31 10.24 3.79
CA ASP B 15 9.30 11.28 3.58
C ASP B 15 8.65 12.65 3.71
N GLY A 1 -4.13 2.31 16.26
CA GLY A 1 -5.55 1.89 16.16
C GLY A 1 -5.70 0.53 15.52
N PRO A 2 -6.62 0.39 14.55
CA PRO A 2 -6.89 -0.90 13.90
C PRO A 2 -5.91 -1.22 12.77
N LEU A 3 -4.87 -0.40 12.63
CA LEU A 3 -3.89 -0.59 11.58
C LEU A 3 -2.56 -1.09 12.17
N PRO A 4 -2.17 -2.32 11.86
CA PRO A 4 -0.92 -2.92 12.34
C PRO A 4 0.30 -2.18 11.79
N PRO A 5 1.37 -2.02 12.60
CA PRO A 5 2.61 -1.36 12.15
C PRO A 5 3.27 -2.07 10.97
N GLY A 6 2.81 -3.27 10.67
CA GLY A 6 3.31 -3.99 9.51
C GLY A 6 2.74 -3.45 8.23
N TRP A 7 1.59 -2.79 8.33
CA TRP A 7 0.92 -2.22 7.17
C TRP A 7 1.37 -0.78 6.95
N GLU A 8 2.26 -0.59 5.97
CA GLU A 8 2.75 0.73 5.66
C GLU A 8 1.87 1.31 4.55
N VAL A 9 1.05 2.30 4.92
CA VAL A 9 0.02 2.80 4.03
C VAL A 9 0.48 4.03 3.25
N ARG A 10 0.43 3.94 1.93
CA ARG A 10 0.83 5.03 1.06
C ARG A 10 -0.24 5.29 0.00
N SER A 11 -0.35 6.53 -0.45
CA SER A 11 -1.39 6.89 -1.41
C SER A 11 -0.78 7.61 -2.63
N THR A 12 -1.32 7.31 -3.81
CA THR A 12 -0.90 7.97 -5.03
C THR A 12 -1.88 9.08 -5.39
N VAL A 13 -1.38 10.15 -5.99
CA VAL A 13 -2.20 11.32 -6.34
C VAL A 13 -3.29 10.95 -7.35
N SER A 14 -3.15 9.78 -7.97
CA SER A 14 -4.16 9.25 -8.89
C SER A 14 -5.48 8.99 -8.15
N GLY A 15 -5.41 8.98 -6.83
CA GLY A 15 -6.57 8.64 -6.03
C GLY A 15 -6.63 7.15 -5.74
N ARG A 16 -5.45 6.55 -5.65
CA ARG A 16 -5.34 5.13 -5.36
C ARG A 16 -4.50 4.91 -4.12
N ILE A 17 -5.01 4.08 -3.22
CA ILE A 17 -4.26 3.71 -2.04
C ILE A 17 -3.44 2.46 -2.38
N TYR A 18 -2.27 2.34 -1.80
CA TYR A 18 -1.39 1.25 -2.18
C TYR A 18 -0.54 0.85 -1.02
N PHE A 19 -0.46 -0.42 -0.83
CA PHE A 19 0.20 -0.98 0.30
C PHE A 19 1.55 -1.53 -0.02
N VAL A 20 2.37 -1.43 0.99
CA VAL A 20 3.66 -2.05 0.99
C VAL A 20 3.88 -2.62 2.39
N ASP A 21 3.85 -3.94 2.48
CA ASP A 21 3.99 -4.61 3.76
C ASP A 21 5.47 -4.88 4.02
N HIS A 22 5.89 -4.64 5.25
CA HIS A 22 7.30 -4.68 5.62
C HIS A 22 7.82 -6.10 5.84
N ASN A 23 6.91 -7.06 5.99
CA ASN A 23 7.33 -8.42 6.33
C ASN A 23 7.61 -9.24 5.08
N ASN A 24 6.63 -9.31 4.19
CA ASN A 24 6.79 -10.03 2.94
C ASN A 24 7.31 -9.10 1.84
N ARG A 25 7.23 -7.80 2.10
CA ARG A 25 7.70 -6.77 1.16
C ARG A 25 6.83 -6.78 -0.07
N THR A 26 5.53 -6.66 0.16
CA THR A 26 4.55 -6.83 -0.92
C THR A 26 3.79 -5.54 -1.21
N THR A 27 3.48 -5.31 -2.48
CA THR A 27 2.71 -4.14 -2.89
C THR A 27 1.32 -4.54 -3.38
N GLN A 28 0.30 -3.89 -2.83
CA GLN A 28 -1.08 -4.15 -3.21
C GLN A 28 -1.79 -2.85 -3.55
N PHE A 29 -2.77 -2.90 -4.44
CA PHE A 29 -3.64 -1.74 -4.65
C PHE A 29 -4.93 -1.90 -3.84
N THR A 30 -5.10 -3.09 -3.30
CA THR A 30 -6.29 -3.44 -2.54
C THR A 30 -6.17 -3.08 -1.06
N ASP A 31 -7.01 -2.16 -0.61
CA ASP A 31 -7.11 -1.84 0.81
C ASP A 31 -8.28 -2.60 1.43
N PRO A 32 -8.02 -3.37 2.48
CA PRO A 32 -9.01 -4.27 3.08
C PRO A 32 -10.16 -3.54 3.78
N ARG A 33 -9.98 -2.26 4.03
CA ARG A 33 -10.98 -1.46 4.75
C ARG A 33 -11.97 -0.85 3.76
N LEU A 34 -11.63 -0.88 2.48
CA LEU A 34 -12.48 -0.30 1.45
C LEU A 34 -13.68 -1.21 1.16
N HIS A 35 -13.64 -2.41 1.71
CA HIS A 35 -14.74 -3.36 1.52
C HIS A 35 -15.78 -3.15 2.62
N GLU B 1 -6.67 -6.69 -10.16
CA GLU B 1 -6.93 -5.31 -9.71
C GLU B 1 -7.47 -4.45 -10.85
N LEU B 2 -7.11 -4.81 -12.09
CA LEU B 2 -7.55 -4.07 -13.29
C LEU B 2 -6.90 -2.68 -13.33
N GLU B 3 -5.92 -2.48 -12.48
CA GLU B 3 -5.27 -1.18 -12.35
C GLU B 3 -3.91 -1.17 -13.06
N SER B 4 -3.26 -0.02 -12.99
CA SER B 4 -1.89 0.13 -13.44
C SER B 4 -0.98 -0.71 -12.55
N PRO B 5 0.21 -1.09 -13.03
CA PRO B 5 1.16 -1.85 -12.21
C PRO B 5 1.49 -1.13 -10.90
N PRO B 6 1.18 -1.79 -9.76
CA PRO B 6 1.45 -1.26 -8.42
C PRO B 6 2.89 -0.75 -8.24
N PRO B 7 3.07 0.27 -7.38
CA PRO B 7 4.35 0.96 -7.19
C PRO B 7 5.40 0.05 -6.51
N PRO B 8 6.61 0.00 -7.07
CA PRO B 8 7.72 -0.80 -6.52
C PRO B 8 7.95 -0.53 -5.03
N TYR B 9 8.26 -1.59 -4.29
CA TYR B 9 8.40 -1.48 -2.84
C TYR B 9 9.70 -0.79 -2.45
N SER B 10 9.59 0.48 -2.12
CA SER B 10 10.63 1.18 -1.41
C SER B 10 10.26 1.12 0.07
N ARG B 11 11.22 0.80 0.93
CA ARG B 11 10.89 0.45 2.31
C ARG B 11 10.16 1.58 3.02
N TYR B 12 10.67 2.79 2.88
CA TYR B 12 10.04 3.94 3.52
C TYR B 12 9.59 4.93 2.48
N PRO B 13 8.32 4.82 2.08
CA PRO B 13 7.71 5.60 1.00
C PRO B 13 6.93 6.80 1.52
N MET B 14 7.19 7.18 2.77
CA MET B 14 6.45 8.25 3.41
C MET B 14 7.14 9.60 3.19
N ASP B 15 6.42 10.53 2.56
CA ASP B 15 6.90 11.88 2.34
C ASP B 15 5.75 12.75 1.87
N GLY A 1 -11.05 0.49 14.67
CA GLY A 1 -10.23 -0.74 14.80
C GLY A 1 -8.75 -0.47 14.60
N PRO A 2 -7.88 -1.29 15.21
CA PRO A 2 -6.43 -1.12 15.12
C PRO A 2 -5.87 -1.58 13.78
N LEU A 3 -5.00 -0.76 13.20
CA LEU A 3 -4.33 -1.11 11.96
C LEU A 3 -2.95 -1.69 12.27
N PRO A 4 -2.67 -2.92 11.77
CA PRO A 4 -1.40 -3.60 12.01
C PRO A 4 -0.19 -2.71 11.71
N PRO A 5 0.75 -2.61 12.68
CA PRO A 5 1.95 -1.76 12.55
C PRO A 5 2.95 -2.28 11.52
N GLY A 6 2.61 -3.39 10.88
CA GLY A 6 3.42 -3.90 9.80
C GLY A 6 2.99 -3.33 8.47
N TRP A 7 1.79 -2.74 8.47
CA TRP A 7 1.21 -2.16 7.27
C TRP A 7 1.57 -0.69 7.15
N GLU A 8 2.40 -0.38 6.16
CA GLU A 8 2.77 1.01 5.91
C GLU A 8 1.92 1.55 4.77
N VAL A 9 0.98 2.42 5.12
CA VAL A 9 -0.01 2.92 4.17
C VAL A 9 0.45 4.23 3.52
N ARG A 10 0.46 4.25 2.20
CA ARG A 10 0.89 5.41 1.42
C ARG A 10 -0.07 5.63 0.25
N SER A 11 -0.23 6.88 -0.16
CA SER A 11 -1.22 7.22 -1.18
C SER A 11 -0.58 7.84 -2.42
N THR A 12 -1.20 7.63 -3.57
CA THR A 12 -0.78 8.28 -4.79
C THR A 12 -1.81 9.33 -5.21
N VAL A 13 -1.34 10.46 -5.73
CA VAL A 13 -2.20 11.61 -6.06
C VAL A 13 -3.29 11.27 -7.07
N SER A 14 -3.13 10.16 -7.78
CA SER A 14 -4.14 9.65 -8.70
C SER A 14 -5.41 9.25 -7.94
N GLY A 15 -5.29 9.14 -6.62
CA GLY A 15 -6.39 8.70 -5.81
C GLY A 15 -6.39 7.20 -5.64
N ARG A 16 -5.20 6.62 -5.70
CA ARG A 16 -5.04 5.20 -5.48
C ARG A 16 -4.27 4.96 -4.20
N ILE A 17 -4.83 4.14 -3.32
CA ILE A 17 -4.15 3.75 -2.11
C ILE A 17 -3.33 2.51 -2.39
N TYR A 18 -2.17 2.39 -1.77
CA TYR A 18 -1.27 1.32 -2.12
C TYR A 18 -0.45 0.95 -0.91
N PHE A 19 -0.15 -0.30 -0.81
CA PHE A 19 0.54 -0.80 0.35
C PHE A 19 1.93 -1.24 0.09
N VAL A 20 2.72 -1.11 1.12
CA VAL A 20 4.01 -1.72 1.18
C VAL A 20 4.16 -2.35 2.56
N ASP A 21 4.06 -3.66 2.58
CA ASP A 21 4.21 -4.43 3.80
C ASP A 21 5.63 -4.97 3.89
N HIS A 22 6.26 -4.77 5.04
CA HIS A 22 7.65 -5.12 5.23
C HIS A 22 7.85 -6.62 5.40
N ASN A 23 6.78 -7.35 5.67
CA ASN A 23 6.88 -8.77 5.92
C ASN A 23 6.98 -9.55 4.61
N ASN A 24 6.12 -9.22 3.67
CA ASN A 24 6.15 -9.84 2.34
C ASN A 24 6.95 -9.00 1.37
N ARG A 25 7.22 -7.75 1.76
CA ARG A 25 7.91 -6.77 0.91
C ARG A 25 7.16 -6.64 -0.40
N THR A 26 5.86 -6.54 -0.27
CA THR A 26 4.96 -6.57 -1.41
C THR A 26 4.06 -5.34 -1.44
N THR A 27 3.76 -4.86 -2.65
CA THR A 27 2.88 -3.72 -2.79
C THR A 27 1.55 -4.14 -3.44
N GLN A 28 0.46 -3.68 -2.82
CA GLN A 28 -0.89 -4.03 -3.28
C GLN A 28 -1.75 -2.76 -3.42
N PHE A 29 -2.69 -2.78 -4.36
CA PHE A 29 -3.67 -1.70 -4.47
C PHE A 29 -4.93 -2.04 -3.68
N THR A 30 -5.05 -3.29 -3.25
CA THR A 30 -6.19 -3.73 -2.47
C THR A 30 -6.05 -3.34 -1.00
N ASP A 31 -6.82 -2.34 -0.60
CA ASP A 31 -6.83 -1.88 0.79
C ASP A 31 -8.05 -2.41 1.53
N PRO A 32 -7.83 -3.11 2.65
CA PRO A 32 -8.91 -3.67 3.46
C PRO A 32 -9.79 -2.60 4.11
N ARG A 33 -9.31 -1.37 4.11
CA ARG A 33 -10.02 -0.27 4.75
C ARG A 33 -10.99 0.40 3.77
N LEU A 34 -10.81 0.16 2.48
CA LEU A 34 -11.65 0.78 1.46
C LEU A 34 -13.01 0.09 1.34
N HIS A 35 -13.09 -1.14 1.81
CA HIS A 35 -14.34 -1.88 1.72
C HIS A 35 -14.95 -2.09 3.11
N GLU B 1 -5.82 -6.92 -9.66
CA GLU B 1 -6.55 -5.85 -8.95
C GLU B 1 -7.26 -4.94 -9.93
N LEU B 2 -7.14 -5.27 -11.23
CA LEU B 2 -7.80 -4.54 -12.32
C LEU B 2 -7.19 -3.15 -12.52
N GLU B 3 -6.07 -2.92 -11.86
CA GLU B 3 -5.39 -1.63 -11.94
C GLU B 3 -4.08 -1.75 -12.73
N SER B 4 -3.40 -0.63 -12.85
CA SER B 4 -2.09 -0.60 -13.47
C SER B 4 -1.04 -0.99 -12.43
N PRO B 5 0.15 -1.46 -12.85
CA PRO B 5 1.17 -1.98 -11.94
C PRO B 5 1.44 -1.05 -10.74
N PRO B 6 1.21 -1.57 -9.51
CA PRO B 6 1.48 -0.85 -8.27
C PRO B 6 2.94 -0.36 -8.15
N PRO B 7 3.18 0.63 -7.28
CA PRO B 7 4.50 1.25 -7.10
C PRO B 7 5.49 0.30 -6.43
N PRO B 8 6.67 0.10 -7.04
CA PRO B 8 7.72 -0.79 -6.52
C PRO B 8 8.01 -0.52 -5.04
N TYR B 9 8.12 -1.60 -4.26
CA TYR B 9 8.32 -1.49 -2.82
C TYR B 9 9.67 -0.84 -2.49
N SER B 10 9.59 0.43 -2.13
CA SER B 10 10.71 1.15 -1.56
C SER B 10 10.66 0.93 -0.05
N ARG B 11 11.81 0.93 0.61
CA ARG B 11 11.88 0.54 2.02
C ARG B 11 10.99 1.44 2.86
N TYR B 12 11.27 2.73 2.84
CA TYR B 12 10.43 3.69 3.53
C TYR B 12 9.89 4.69 2.52
N PRO B 13 8.64 4.47 2.07
CA PRO B 13 8.02 5.26 1.01
C PRO B 13 7.63 6.66 1.48
N MET B 14 8.13 7.66 0.78
CA MET B 14 7.89 9.04 1.16
C MET B 14 6.61 9.57 0.52
N ASP B 15 5.58 9.71 1.33
CA ASP B 15 4.31 10.26 0.88
C ASP B 15 3.57 10.87 2.06
N GLY A 1 -10.40 1.56 12.92
CA GLY A 1 -10.02 0.13 12.95
C GLY A 1 -8.54 -0.04 13.18
N PRO A 2 -8.15 -0.72 14.28
CA PRO A 2 -6.73 -0.96 14.60
C PRO A 2 -6.02 -1.73 13.49
N LEU A 3 -4.94 -1.15 12.99
CA LEU A 3 -4.19 -1.75 11.90
C LEU A 3 -2.80 -2.15 12.37
N PRO A 4 -2.41 -3.41 12.14
CA PRO A 4 -1.07 -3.91 12.47
C PRO A 4 0.04 -2.97 11.96
N PRO A 5 1.03 -2.67 12.82
CA PRO A 5 2.11 -1.72 12.50
C PRO A 5 3.04 -2.20 11.40
N GLY A 6 2.72 -3.34 10.81
CA GLY A 6 3.47 -3.84 9.67
C GLY A 6 2.95 -3.26 8.38
N TRP A 7 1.77 -2.68 8.44
CA TRP A 7 1.11 -2.10 7.27
C TRP A 7 1.49 -0.63 7.10
N GLU A 8 2.34 -0.34 6.11
CA GLU A 8 2.66 1.03 5.80
C GLU A 8 1.67 1.54 4.76
N VAL A 9 0.82 2.47 5.17
CA VAL A 9 -0.23 2.97 4.31
C VAL A 9 0.20 4.27 3.62
N ARG A 10 0.11 4.28 2.30
CA ARG A 10 0.51 5.42 1.50
C ARG A 10 -0.45 5.63 0.34
N SER A 11 -0.62 6.88 -0.08
CA SER A 11 -1.54 7.21 -1.16
C SER A 11 -0.83 7.97 -2.28
N THR A 12 -1.06 7.57 -3.52
CA THR A 12 -0.49 8.24 -4.68
C THR A 12 -1.42 9.35 -5.18
N VAL A 13 -0.82 10.39 -5.76
CA VAL A 13 -1.59 11.54 -6.28
C VAL A 13 -2.56 11.11 -7.38
N SER A 14 -2.35 9.92 -7.91
CA SER A 14 -3.28 9.32 -8.87
C SER A 14 -4.65 9.12 -8.25
N GLY A 15 -4.72 9.19 -6.93
CA GLY A 15 -5.96 8.98 -6.23
C GLY A 15 -6.14 7.53 -5.86
N ARG A 16 -5.03 6.85 -5.60
CA ARG A 16 -5.06 5.44 -5.23
C ARG A 16 -4.38 5.25 -3.88
N ILE A 17 -4.92 4.35 -3.08
CA ILE A 17 -4.26 3.91 -1.87
C ILE A 17 -3.39 2.72 -2.23
N TYR A 18 -2.24 2.58 -1.58
CA TYR A 18 -1.30 1.55 -1.99
C TYR A 18 -0.51 1.07 -0.81
N PHE A 19 -0.50 -0.21 -0.65
CA PHE A 19 0.16 -0.82 0.47
C PHE A 19 1.52 -1.34 0.16
N VAL A 20 2.34 -1.27 1.17
CA VAL A 20 3.65 -1.88 1.15
C VAL A 20 3.89 -2.54 2.50
N ASP A 21 3.91 -3.85 2.51
CA ASP A 21 4.13 -4.61 3.73
C ASP A 21 5.58 -5.06 3.79
N HIS A 22 6.14 -5.10 4.99
CA HIS A 22 7.56 -5.37 5.19
C HIS A 22 7.90 -6.85 5.16
N ASN A 23 6.90 -7.72 5.35
CA ASN A 23 7.19 -9.14 5.49
C ASN A 23 7.14 -9.84 4.14
N ASN A 24 6.09 -9.62 3.38
CA ASN A 24 6.03 -10.14 2.02
C ASN A 24 6.68 -9.15 1.08
N ARG A 25 6.90 -7.92 1.58
CA ARG A 25 7.53 -6.85 0.83
C ARG A 25 6.79 -6.64 -0.47
N THR A 26 5.49 -6.43 -0.33
CA THR A 26 4.56 -6.46 -1.46
C THR A 26 3.72 -5.18 -1.54
N THR A 27 3.40 -4.78 -2.77
CA THR A 27 2.59 -3.60 -3.01
C THR A 27 1.18 -4.00 -3.44
N GLN A 28 0.18 -3.58 -2.67
CA GLN A 28 -1.22 -3.90 -2.96
C GLN A 28 -2.02 -2.63 -3.22
N PHE A 29 -2.70 -2.58 -4.37
CA PHE A 29 -3.55 -1.43 -4.70
C PHE A 29 -4.90 -1.51 -3.98
N THR A 30 -5.18 -2.65 -3.37
CA THR A 30 -6.44 -2.82 -2.66
C THR A 30 -6.25 -2.58 -1.16
N ASP A 31 -7.29 -2.07 -0.51
CA ASP A 31 -7.24 -1.77 0.91
C ASP A 31 -8.34 -2.51 1.64
N PRO A 32 -7.97 -3.46 2.53
CA PRO A 32 -8.93 -4.26 3.29
C PRO A 32 -9.60 -3.44 4.40
N ARG A 33 -9.03 -2.28 4.67
CA ARG A 33 -9.54 -1.40 5.71
C ARG A 33 -10.71 -0.57 5.17
N LEU A 34 -10.91 -0.63 3.86
CA LEU A 34 -11.98 0.13 3.20
C LEU A 34 -13.37 -0.31 3.67
N HIS A 35 -13.45 -1.51 4.24
CA HIS A 35 -14.70 -2.00 4.82
C HIS A 35 -14.55 -2.09 6.33
N GLU B 1 -6.94 -6.94 -9.45
CA GLU B 1 -7.16 -5.47 -9.51
C GLU B 1 -7.30 -4.99 -10.96
N LEU B 2 -6.59 -5.65 -11.89
CA LEU B 2 -6.62 -5.28 -13.31
C LEU B 2 -6.04 -3.87 -13.52
N GLU B 3 -5.35 -3.37 -12.50
CA GLU B 3 -4.86 -2.01 -12.48
C GLU B 3 -3.45 -1.91 -13.06
N SER B 4 -3.06 -0.68 -13.36
CA SER B 4 -1.70 -0.38 -13.79
C SER B 4 -0.71 -0.74 -12.69
N PRO B 5 0.53 -1.13 -13.06
CA PRO B 5 1.54 -1.60 -12.11
C PRO B 5 1.72 -0.67 -10.91
N PRO B 6 1.47 -1.20 -9.70
CA PRO B 6 1.67 -0.45 -8.44
C PRO B 6 3.13 -0.09 -8.18
N PRO B 7 3.37 0.87 -7.27
CA PRO B 7 4.71 1.41 -6.97
C PRO B 7 5.67 0.33 -6.44
N PRO B 8 6.92 0.34 -6.92
CA PRO B 8 7.97 -0.55 -6.43
C PRO B 8 8.22 -0.34 -4.94
N TYR B 9 8.29 -1.44 -4.19
CA TYR B 9 8.39 -1.36 -2.74
C TYR B 9 9.71 -0.74 -2.29
N SER B 10 9.60 0.49 -1.82
CA SER B 10 10.70 1.18 -1.17
C SER B 10 10.56 0.96 0.33
N ARG B 11 11.68 0.94 1.05
CA ARG B 11 11.65 0.56 2.47
C ARG B 11 10.74 1.49 3.27
N TYR B 12 11.00 2.78 3.17
CA TYR B 12 10.15 3.76 3.81
C TYR B 12 9.55 4.71 2.79
N PRO B 13 8.27 4.50 2.47
CA PRO B 13 7.58 5.24 1.43
C PRO B 13 7.19 6.65 1.85
N MET B 14 7.69 7.64 1.13
CA MET B 14 7.34 9.03 1.37
C MET B 14 6.67 9.61 0.13
N ASP B 15 5.49 10.19 0.32
CA ASP B 15 4.70 10.72 -0.78
C ASP B 15 5.35 11.97 -1.35
#